data_2VRC
#
_entry.id   2VRC
#
_cell.length_a   75.957
_cell.length_b   76.954
_cell.length_c   272.826
_cell.angle_alpha   90.00
_cell.angle_beta   90.00
_cell.angle_gamma   90.00
#
_symmetry.space_group_name_H-M   'P 21 21 21'
#
loop_
_entity.id
_entity.type
_entity.pdbx_description
1 polymer 'TRIPHENYLMETHANE REDUCTASE'
2 polymer 'TRIPHENYLMETHANE REDUCTASE'
3 water water
#
loop_
_entity_poly.entity_id
_entity_poly.type
_entity_poly.pdbx_seq_one_letter_code
_entity_poly.pdbx_strand_id
1 'polypeptide(L)'
;FSIAVTGATGQLGGLVIQHL(MSE)AAVPASQIIAIVRNVEKASTLADQGVEVRHGDYNQPESLQKAFAGVSKLLFISGP
HYDNTLLIVQHANVVKAARDAGVKHIAYTGYAFAEESIIPLAHVHLATEYAIRTTNIPYTFLRNALYTDFFVNEGLRAST
ESGAIVTNAGSGIVNSVTRNELALAAATVLTEEGHENKTYNLVSNQPWTFDELAQILSEVSGKKVVHQPVSFEEEKNF
(MSE)VNAGVPEPFAEITAAIYDAISKGEASKTSDDLQKLIGSLTPLKETVKQALK(MSE)
;
A,B,C
2 'polypeptide(L)'
;FSIAVTGATGQLGGLVIQHL(MSE)AAVPASQIIAIVRNVEKASTLADQGVEVRHGDYNQPESLQKAFAGVSKLLFISGP
HYDNTLLIVQHANVVKAARDAGVKHIAYTGYAFAEESIIPLAHVHLATEYATRTTNIPYTFLRNALYTDFFVNEGLRAST
ESGAIVTNAGSGIVNSVTRNELALAAATVLTEEGHENKTYNLVSNQPWTFDELAQILSEVSGKKVVHQPVSFEEEKNF
(MSE)VNAGVPEPFAEITAAIYDAISKGEASKTSDDLQKLIGSLTPLKETVKQALK(MSE)
;
D
#
# COMPACT_ATOMS: atom_id res chain seq x y z
N PHE A 1 22.24 -11.05 -8.24
CA PHE A 1 22.94 -9.75 -7.94
C PHE A 1 22.99 -8.84 -9.17
N SER A 2 23.10 -7.52 -8.94
CA SER A 2 23.07 -6.49 -9.99
C SER A 2 23.21 -5.05 -9.48
N ILE A 3 23.70 -4.18 -10.36
CA ILE A 3 23.80 -2.75 -10.11
C ILE A 3 23.09 -2.02 -11.25
N ALA A 4 22.17 -1.13 -10.91
CA ALA A 4 21.46 -0.36 -11.92
C ALA A 4 21.80 1.13 -11.83
N VAL A 5 21.79 1.77 -13.00
CA VAL A 5 22.18 3.13 -13.13
C VAL A 5 21.08 3.84 -13.86
N THR A 6 20.51 4.85 -13.26
CA THR A 6 19.52 5.64 -13.97
C THR A 6 20.29 6.69 -14.78
N GLY A 7 19.58 7.44 -15.62
CA GLY A 7 20.20 8.42 -16.50
C GLY A 7 21.30 7.79 -17.32
N ALA A 8 21.18 6.49 -17.53
CA ALA A 8 22.23 5.67 -18.09
C ALA A 8 22.69 6.11 -19.49
N THR A 9 21.90 7.03 -20.06
CA THR A 9 22.08 7.55 -21.41
C THR A 9 22.64 8.98 -21.39
N GLY A 10 22.50 9.65 -20.25
CA GLY A 10 23.18 10.94 -20.03
C GLY A 10 24.69 10.77 -19.93
N GLN A 11 25.39 11.90 -19.79
CA GLN A 11 26.84 11.91 -19.74
C GLN A 11 27.34 11.28 -18.46
N LEU A 12 26.86 11.74 -17.30
CA LEU A 12 27.35 11.17 -16.05
C LEU A 12 27.11 9.65 -15.94
N GLY A 13 25.90 9.20 -16.27
CA GLY A 13 25.56 7.78 -16.15
C GLY A 13 26.28 6.89 -17.15
N GLY A 14 26.41 7.37 -18.38
CA GLY A 14 27.20 6.69 -19.40
C GLY A 14 28.62 6.48 -18.89
N LEU A 15 29.18 7.52 -18.25
CA LEU A 15 30.56 7.45 -17.72
C LEU A 15 30.65 6.42 -16.61
N VAL A 16 29.68 6.47 -15.72
CA VAL A 16 29.60 5.50 -14.62
C VAL A 16 29.62 4.08 -15.12
N ILE A 17 28.89 3.83 -16.18
CA ILE A 17 28.74 2.48 -16.70
C ILE A 17 30.05 2.01 -17.31
N GLN A 18 30.74 2.89 -18.03
CA GLN A 18 32.05 2.53 -18.59
C GLN A 18 33.00 2.15 -17.45
N HIS A 19 32.97 2.93 -16.37
CA HIS A 19 33.80 2.64 -15.19
C HIS A 19 33.43 1.33 -14.54
N LEU A 20 32.13 1.10 -14.37
CA LEU A 20 31.60 -0.11 -13.74
C LEU A 20 31.97 -1.38 -14.54
N ALA A 22 34.88 -1.75 -16.04
CA ALA A 22 36.28 -2.06 -15.67
C ALA A 22 36.28 -2.98 -14.46
N ALA A 23 35.17 -2.96 -13.70
CA ALA A 23 35.08 -3.61 -12.39
C ALA A 23 34.22 -4.87 -12.34
N VAL A 24 33.07 -4.89 -13.02
CA VAL A 24 32.19 -6.06 -12.98
C VAL A 24 31.88 -6.60 -14.39
N PRO A 25 31.42 -7.86 -14.49
CA PRO A 25 30.90 -8.34 -15.78
C PRO A 25 29.69 -7.51 -16.26
N ALA A 26 29.59 -7.30 -17.56
CA ALA A 26 28.51 -6.51 -18.13
C ALA A 26 27.08 -7.02 -17.82
N SER A 27 26.92 -8.34 -17.73
CA SER A 27 25.64 -8.95 -17.36
C SER A 27 25.10 -8.44 -16.00
N GLN A 28 26.01 -8.02 -15.14
CA GLN A 28 25.70 -7.57 -13.78
C GLN A 28 25.22 -6.11 -13.74
N ILE A 29 25.21 -5.45 -14.89
CA ILE A 29 24.89 -4.04 -14.94
C ILE A 29 23.59 -3.82 -15.66
N ILE A 30 22.67 -3.12 -14.99
CA ILE A 30 21.41 -2.77 -15.60
C ILE A 30 21.44 -1.29 -15.94
N ALA A 31 21.14 -0.94 -17.18
CA ALA A 31 21.09 0.45 -17.58
C ALA A 31 19.63 0.85 -17.68
N ILE A 32 19.22 1.83 -16.91
CA ILE A 32 17.83 2.30 -16.94
C ILE A 32 17.73 3.62 -17.72
N VAL A 33 16.95 3.62 -18.79
CA VAL A 33 16.94 4.72 -19.75
C VAL A 33 15.53 5.10 -20.19
N ARG A 34 15.35 6.36 -20.61
CA ARG A 34 14.07 6.83 -21.15
C ARG A 34 13.71 6.18 -22.49
N ASN A 35 14.70 5.90 -23.33
CA ASN A 35 14.46 5.34 -24.66
C ASN A 35 15.33 4.11 -24.92
N VAL A 36 14.73 2.92 -24.94
CA VAL A 36 15.52 1.68 -24.98
C VAL A 36 16.34 1.47 -26.26
N GLU A 37 15.76 1.81 -27.41
CA GLU A 37 16.44 1.60 -28.70
C GLU A 37 17.61 2.59 -28.84
N LYS A 38 17.40 3.80 -28.35
CA LYS A 38 18.43 4.84 -28.31
C LYS A 38 19.63 4.45 -27.41
N ALA A 39 19.58 3.25 -26.84
CA ALA A 39 20.67 2.72 -26.04
C ALA A 39 21.12 1.34 -26.53
N SER A 40 21.06 1.14 -27.84
CA SER A 40 21.46 -0.14 -28.44
C SER A 40 22.94 -0.40 -28.26
N THR A 41 23.72 0.66 -28.27
CA THR A 41 25.17 0.55 -28.14
C THR A 41 25.56 -0.12 -26.80
N LEU A 42 24.89 0.27 -25.72
CA LEU A 42 25.05 -0.38 -24.42
C LEU A 42 24.59 -1.83 -24.43
N ALA A 43 23.42 -2.08 -25.04
CA ALA A 43 22.93 -3.45 -25.19
C ALA A 43 24.02 -4.29 -25.85
N ASP A 44 24.62 -3.76 -26.92
CA ASP A 44 25.67 -4.46 -27.67
C ASP A 44 26.79 -4.96 -26.75
N GLN A 45 27.22 -4.08 -25.84
CA GLN A 45 28.27 -4.40 -24.86
C GLN A 45 27.91 -5.54 -23.87
N GLY A 46 26.62 -5.92 -23.84
CA GLY A 46 26.14 -7.03 -23.00
C GLY A 46 25.43 -6.53 -21.74
N VAL A 47 25.14 -5.24 -21.71
CA VAL A 47 24.44 -4.61 -20.59
C VAL A 47 22.93 -4.68 -20.76
N GLU A 48 22.27 -5.19 -19.73
CA GLU A 48 20.84 -5.25 -19.70
C GLU A 48 20.26 -3.83 -19.70
N VAL A 49 19.32 -3.56 -20.60
CA VAL A 49 18.70 -2.26 -20.71
C VAL A 49 17.23 -2.35 -20.29
N ARG A 50 16.77 -1.41 -19.45
CA ARG A 50 15.36 -1.38 -19.03
C ARG A 50 14.75 -0.01 -19.22
N HIS A 51 13.49 0.04 -19.63
CA HIS A 51 12.82 1.31 -19.73
C HIS A 51 12.56 1.85 -18.33
N GLY A 52 12.93 3.12 -18.09
CA GLY A 52 12.55 3.79 -16.85
C GLY A 52 12.38 5.28 -17.11
N ASP A 53 11.29 5.86 -16.61
CA ASP A 53 10.93 7.26 -16.86
C ASP A 53 10.42 7.91 -15.55
N TYR A 54 11.15 8.90 -15.04
CA TYR A 54 10.87 9.49 -13.74
C TYR A 54 9.41 9.99 -13.58
N ASN A 55 8.74 10.24 -14.70
CA ASN A 55 7.33 10.66 -14.72
C ASN A 55 6.38 9.49 -14.71
N GLN A 56 6.90 8.27 -14.83
CA GLN A 56 6.02 7.08 -14.89
C GLN A 56 6.34 6.05 -13.82
N PRO A 57 5.72 6.20 -12.64
CA PRO A 57 5.91 5.23 -11.54
C PRO A 57 5.93 3.78 -12.01
N GLU A 58 4.99 3.40 -12.86
CA GLU A 58 4.90 2.01 -13.32
C GLU A 58 6.17 1.52 -13.97
N SER A 59 6.79 2.36 -14.78
CA SER A 59 8.03 1.98 -15.45
C SER A 59 9.14 1.69 -14.45
N LEU A 60 9.14 2.45 -13.36
CA LEU A 60 10.19 2.36 -12.37
C LEU A 60 10.07 1.13 -11.47
N GLN A 61 8.83 0.73 -11.15
CA GLN A 61 8.53 -0.55 -10.48
C GLN A 61 9.16 -1.72 -11.22
N LYS A 62 8.94 -1.76 -12.54
CA LYS A 62 9.46 -2.86 -13.36
C LYS A 62 10.97 -2.72 -13.55
N ALA A 63 11.44 -1.48 -13.72
CA ALA A 63 12.85 -1.20 -13.89
C ALA A 63 13.69 -1.59 -12.68
N PHE A 64 13.17 -1.37 -11.47
CA PHE A 64 13.95 -1.62 -10.27
C PHE A 64 13.72 -3.01 -9.71
N ALA A 65 12.86 -3.80 -10.36
CA ALA A 65 12.55 -5.14 -9.88
C ALA A 65 13.83 -5.98 -9.76
N GLY A 66 14.09 -6.45 -8.55
CA GLY A 66 15.21 -7.34 -8.28
C GLY A 66 16.61 -6.72 -8.18
N VAL A 67 16.75 -5.40 -8.28
CA VAL A 67 18.10 -4.83 -8.24
C VAL A 67 18.66 -4.74 -6.82
N SER A 68 19.94 -5.05 -6.67
CA SER A 68 20.61 -4.99 -5.36
C SER A 68 21.01 -3.55 -5.09
N LYS A 69 21.90 -3.02 -5.94
CA LYS A 69 22.41 -1.64 -5.77
C LYS A 69 21.91 -0.72 -6.89
N LEU A 70 21.25 0.37 -6.51
CA LEU A 70 20.78 1.38 -7.46
C LEU A 70 21.56 2.72 -7.34
N LEU A 71 22.11 3.19 -8.46
CA LEU A 71 22.67 4.54 -8.53
C LEU A 71 21.59 5.36 -9.15
N PHE A 72 21.09 6.30 -8.36
CA PHE A 72 20.01 7.16 -8.69
C PHE A 72 20.65 8.50 -9.07
N ILE A 73 20.67 8.82 -10.36
CA ILE A 73 21.28 10.07 -10.84
C ILE A 73 20.20 11.10 -10.96
N SER A 74 20.44 12.32 -10.50
CA SER A 74 19.34 13.27 -10.43
C SER A 74 18.89 13.65 -11.80
N GLY A 75 17.64 14.12 -11.87
CA GLY A 75 17.05 14.54 -13.13
C GLY A 75 17.73 15.76 -13.74
N PRO A 76 17.88 15.75 -15.09
CA PRO A 76 18.55 16.81 -15.86
C PRO A 76 17.69 18.06 -16.10
N HIS A 77 16.40 17.97 -15.81
CA HIS A 77 15.49 19.11 -15.98
C HIS A 77 16.01 20.36 -15.27
N TYR A 78 15.52 21.52 -15.71
CA TYR A 78 15.78 22.73 -14.94
C TYR A 78 14.55 23.29 -14.18
N ASP A 79 13.45 22.55 -14.18
CA ASP A 79 12.29 22.82 -13.30
C ASP A 79 12.40 22.09 -11.94
N ASN A 80 12.97 22.78 -10.97
CA ASN A 80 13.18 22.24 -9.62
C ASN A 80 11.96 21.61 -8.91
N THR A 81 10.78 22.18 -9.11
CA THR A 81 9.62 21.65 -8.48
C THR A 81 9.18 20.34 -9.13
N LEU A 82 9.26 20.28 -10.46
CA LEU A 82 9.08 19.01 -11.15
C LEU A 82 10.11 17.95 -10.71
N LEU A 83 11.35 18.35 -10.53
CA LEU A 83 12.38 17.44 -10.04
C LEU A 83 11.97 16.75 -8.72
N ILE A 84 11.38 17.50 -7.80
CA ILE A 84 10.96 16.94 -6.53
C ILE A 84 9.96 15.81 -6.71
N VAL A 85 8.90 16.06 -7.48
CA VAL A 85 7.96 15.03 -7.88
C VAL A 85 8.64 13.83 -8.56
N GLN A 86 9.52 14.10 -9.53
CA GLN A 86 10.18 13.01 -10.24
C GLN A 86 11.00 12.18 -9.28
N HIS A 87 11.75 12.89 -8.42
CA HIS A 87 12.61 12.23 -7.46
C HIS A 87 11.84 11.42 -6.47
N ALA A 88 10.74 11.97 -5.97
CA ALA A 88 9.90 11.27 -5.00
C ALA A 88 9.35 9.95 -5.56
N ASN A 89 8.96 9.97 -6.82
CA ASN A 89 8.58 8.73 -7.48
C ASN A 89 9.73 7.73 -7.55
N VAL A 90 10.97 8.20 -7.75
CA VAL A 90 12.07 7.23 -7.86
C VAL A 90 12.25 6.58 -6.50
N VAL A 91 12.09 7.40 -5.47
CA VAL A 91 12.44 6.97 -4.14
C VAL A 91 11.43 5.89 -3.73
N LYS A 92 10.15 6.13 -3.99
CA LYS A 92 9.09 5.19 -3.68
C LYS A 92 9.21 3.88 -4.51
N ALA A 93 9.47 3.96 -5.81
CA ALA A 93 9.64 2.72 -6.53
C ALA A 93 10.84 1.91 -6.01
N ALA A 94 11.92 2.58 -5.62
CA ALA A 94 13.08 1.90 -5.06
C ALA A 94 12.72 1.20 -3.76
N ARG A 95 11.90 1.90 -2.94
CA ARG A 95 11.48 1.45 -1.63
C ARG A 95 10.65 0.22 -1.82
N ASP A 96 9.61 0.35 -2.65
CA ASP A 96 8.68 -0.71 -3.03
C ASP A 96 9.36 -1.94 -3.62
N ALA A 97 10.36 -1.72 -4.46
CA ALA A 97 11.07 -2.83 -5.10
C ALA A 97 12.14 -3.48 -4.19
N GLY A 98 12.38 -2.92 -3.02
CA GLY A 98 13.34 -3.51 -2.09
C GLY A 98 14.80 -3.46 -2.56
N VAL A 99 15.16 -2.38 -3.23
CA VAL A 99 16.53 -2.11 -3.59
C VAL A 99 17.31 -2.17 -2.28
N LYS A 100 18.50 -2.76 -2.31
CA LYS A 100 19.21 -3.07 -1.06
C LYS A 100 20.15 -1.95 -0.65
N HIS A 101 20.51 -1.14 -1.64
CA HIS A 101 21.42 -0.03 -1.48
C HIS A 101 21.19 1.02 -2.53
N ILE A 102 21.05 2.26 -2.10
CA ILE A 102 20.71 3.36 -2.98
C ILE A 102 21.78 4.46 -2.84
N ALA A 103 22.46 4.76 -3.94
CA ALA A 103 23.44 5.84 -3.98
C ALA A 103 22.80 6.98 -4.78
N TYR A 104 22.82 8.19 -4.25
CA TYR A 104 22.16 9.33 -4.91
C TYR A 104 23.16 10.43 -5.19
N THR A 105 23.12 11.02 -6.37
CA THR A 105 24.06 12.09 -6.69
C THR A 105 23.41 13.41 -6.26
N GLY A 106 23.82 13.94 -5.12
CA GLY A 106 23.39 15.26 -4.70
C GLY A 106 24.40 16.36 -4.97
N TYR A 107 24.48 17.32 -4.07
CA TYR A 107 25.33 18.48 -4.29
C TYR A 107 26.11 18.79 -3.03
N ALA A 108 27.44 18.89 -3.23
CA ALA A 108 28.39 19.09 -2.17
C ALA A 108 27.96 20.27 -1.27
N PHE A 109 28.14 20.12 0.05
CA PHE A 109 27.85 21.20 1.03
C PHE A 109 26.51 21.86 0.80
N ALA A 110 25.51 21.05 0.51
CA ALA A 110 24.21 21.55 0.10
C ALA A 110 23.63 22.52 1.09
N GLU A 111 23.76 22.24 2.40
CA GLU A 111 23.12 23.08 3.46
C GLU A 111 23.68 24.54 3.44
N GLU A 112 24.86 24.74 2.84
CA GLU A 112 25.48 26.08 2.86
C GLU A 112 25.17 26.88 1.58
N SER A 113 24.69 26.15 0.57
CA SER A 113 24.39 26.69 -0.75
C SER A 113 23.25 27.71 -0.78
N ILE A 114 23.37 28.66 -1.69
CA ILE A 114 22.36 29.67 -1.95
C ILE A 114 21.76 29.48 -3.33
N ILE A 115 22.22 28.48 -4.06
CA ILE A 115 21.65 28.30 -5.38
C ILE A 115 20.44 27.34 -5.31
N PRO A 116 19.44 27.59 -6.14
CA PRO A 116 18.18 26.83 -6.07
C PRO A 116 18.26 25.29 -6.12
N LEU A 117 19.11 24.72 -6.98
N LEU A 117 19.13 24.74 -6.97
CA LEU A 117 19.11 23.26 -7.12
CA LEU A 117 19.20 23.30 -7.16
C LEU A 117 19.38 22.54 -5.80
C LEU A 117 19.44 22.55 -5.85
N ALA A 118 20.09 23.22 -4.90
CA ALA A 118 20.46 22.61 -3.61
C ALA A 118 19.24 22.14 -2.84
N HIS A 119 18.13 22.86 -2.97
CA HIS A 119 16.93 22.47 -2.27
C HIS A 119 16.36 21.14 -2.79
N VAL A 120 16.55 20.90 -4.08
CA VAL A 120 16.07 19.69 -4.69
C VAL A 120 16.81 18.55 -4.06
N HIS A 121 18.13 18.66 -4.04
CA HIS A 121 18.97 17.60 -3.50
C HIS A 121 18.74 17.32 -2.01
N LEU A 122 18.65 18.37 -1.22
CA LEU A 122 18.27 18.25 0.17
C LEU A 122 16.94 17.45 0.29
N ALA A 123 15.95 17.78 -0.56
CA ALA A 123 14.64 17.19 -0.41
C ALA A 123 14.72 15.71 -0.71
N THR A 124 15.50 15.35 -1.74
CA THR A 124 15.74 13.98 -2.16
C THR A 124 16.48 13.18 -1.10
N GLU A 125 17.56 13.73 -0.56
CA GLU A 125 18.18 13.08 0.59
C GLU A 125 17.16 12.74 1.70
N TYR A 126 16.30 13.68 2.06
CA TYR A 126 15.31 13.38 3.09
C TYR A 126 14.34 12.30 2.64
N ALA A 127 13.89 12.34 1.39
CA ALA A 127 13.03 11.30 0.84
C ALA A 127 13.70 9.93 1.00
N ILE A 128 14.97 9.83 0.61
CA ILE A 128 15.69 8.58 0.69
C ILE A 128 15.83 8.07 2.14
N ARG A 129 16.17 8.97 3.05
CA ARG A 129 16.15 8.65 4.48
C ARG A 129 14.86 7.95 4.95
N THR A 130 13.71 8.30 4.38
CA THR A 130 12.43 7.72 4.83
C THR A 130 12.27 6.25 4.39
N THR A 131 13.04 5.80 3.40
CA THR A 131 12.88 4.45 2.87
C THR A 131 13.60 3.43 3.71
N ASN A 132 14.53 3.88 4.56
CA ASN A 132 15.37 2.99 5.37
C ASN A 132 16.34 2.08 4.63
N ILE A 133 16.43 2.25 3.32
CA ILE A 133 17.43 1.60 2.54
C ILE A 133 18.82 2.20 2.84
N PRO A 134 19.83 1.33 3.12
CA PRO A 134 21.22 1.80 3.23
C PRO A 134 21.54 2.71 2.07
N TYR A 135 22.13 3.88 2.36
CA TYR A 135 22.30 4.90 1.34
C TYR A 135 23.74 5.35 1.19
N THR A 136 24.05 5.96 0.06
CA THR A 136 25.26 6.73 -0.08
C THR A 136 24.88 8.04 -0.75
N PHE A 137 25.15 9.15 -0.05
CA PHE A 137 25.00 10.46 -0.64
C PHE A 137 26.28 10.94 -1.29
N LEU A 138 26.31 10.81 -2.62
CA LEU A 138 27.44 11.25 -3.44
C LEU A 138 27.22 12.73 -3.78
N ARG A 139 27.63 13.62 -2.89
CA ARG A 139 27.34 15.03 -3.09
C ARG A 139 28.38 15.65 -4.00
N ASN A 140 28.01 15.77 -5.27
CA ASN A 140 28.94 16.24 -6.27
C ASN A 140 29.15 17.75 -6.25
N ALA A 141 30.39 18.14 -6.50
CA ALA A 141 30.78 19.52 -6.83
C ALA A 141 30.07 19.91 -8.12
N LEU A 142 29.98 21.22 -8.38
CA LEU A 142 29.73 21.69 -9.73
C LEU A 142 30.67 20.97 -10.73
N TYR A 143 30.18 20.75 -11.94
CA TYR A 143 30.93 20.03 -12.95
C TYR A 143 31.96 20.94 -13.54
N THR A 144 33.17 20.43 -13.71
CA THR A 144 34.20 21.28 -14.28
C THR A 144 33.82 21.69 -15.70
N ASP A 145 33.21 20.77 -16.41
CA ASP A 145 32.85 21.02 -17.80
C ASP A 145 31.71 21.99 -18.01
N PHE A 146 31.05 22.40 -16.91
CA PHE A 146 30.08 23.50 -16.99
C PHE A 146 30.79 24.82 -17.36
N PHE A 147 32.05 24.95 -16.97
CA PHE A 147 32.86 26.12 -17.24
C PHE A 147 33.92 25.86 -18.30
N VAL A 148 34.42 24.63 -18.37
CA VAL A 148 35.55 24.27 -19.24
C VAL A 148 35.03 23.34 -20.32
N ASN A 149 34.69 23.94 -21.46
CA ASN A 149 34.02 23.23 -22.54
C ASN A 149 34.33 23.87 -23.92
N GLU A 150 33.71 23.33 -24.97
CA GLU A 150 33.91 23.84 -26.32
C GLU A 150 33.59 25.33 -26.46
N GLY A 151 32.63 25.82 -25.67
CA GLY A 151 32.22 27.24 -25.70
C GLY A 151 33.34 28.21 -25.31
N LEU A 152 34.45 27.67 -24.81
CA LEU A 152 35.60 28.45 -24.42
C LEU A 152 36.28 28.98 -25.68
N ARG A 153 35.95 28.44 -26.85
CA ARG A 153 36.44 29.02 -28.11
C ARG A 153 36.00 30.47 -28.29
N ALA A 154 34.80 30.78 -27.81
CA ALA A 154 34.28 32.14 -27.83
C ALA A 154 35.24 33.10 -27.15
N SER A 155 35.68 32.69 -25.96
CA SER A 155 36.64 33.47 -25.18
C SER A 155 38.04 33.59 -25.79
N THR A 156 38.51 32.55 -26.50
CA THR A 156 39.78 32.64 -27.22
C THR A 156 39.63 33.70 -28.31
N GLU A 157 38.58 33.57 -29.11
CA GLU A 157 38.24 34.53 -30.15
C GLU A 157 38.10 35.94 -29.57
N SER A 158 37.35 36.08 -28.47
CA SER A 158 36.99 37.39 -27.94
C SER A 158 38.10 38.09 -27.15
N GLY A 159 38.99 37.30 -26.54
CA GLY A 159 40.05 37.84 -25.69
C GLY A 159 39.68 37.80 -24.21
N ALA A 160 38.44 37.39 -23.91
CA ALA A 160 37.93 37.50 -22.55
C ALA A 160 37.00 36.38 -22.14
N ILE A 161 37.20 35.90 -20.92
CA ILE A 161 36.17 35.16 -20.23
C ILE A 161 35.37 36.16 -19.38
N VAL A 162 34.10 36.31 -19.72
CA VAL A 162 33.24 37.24 -18.98
C VAL A 162 32.36 36.45 -18.01
N THR A 163 32.56 36.68 -16.71
CA THR A 163 31.69 36.08 -15.69
C THR A 163 31.24 37.14 -14.68
N ASN A 164 30.32 36.78 -13.79
CA ASN A 164 30.08 37.58 -12.58
C ASN A 164 30.53 36.80 -11.33
N ALA A 165 31.60 36.03 -11.49
CA ALA A 165 32.15 35.25 -10.40
C ALA A 165 33.22 35.98 -9.56
N GLY A 166 33.48 37.26 -9.89
CA GLY A 166 34.59 38.01 -9.25
C GLY A 166 35.86 37.16 -9.07
N SER A 167 36.34 37.16 -7.83
CA SER A 167 37.51 36.39 -7.43
C SER A 167 37.20 35.05 -6.77
N GLY A 168 35.95 34.59 -6.88
CA GLY A 168 35.57 33.31 -6.31
C GLY A 168 36.47 32.15 -6.67
N ILE A 169 36.73 31.34 -5.66
CA ILE A 169 37.44 30.09 -5.85
C ILE A 169 36.52 28.94 -6.28
N VAL A 170 37.00 28.10 -7.19
CA VAL A 170 36.20 26.99 -7.73
C VAL A 170 36.72 25.60 -7.41
N ASN A 171 35.91 24.83 -6.68
CA ASN A 171 36.26 23.47 -6.35
C ASN A 171 35.67 22.36 -7.22
N SER A 172 35.33 22.69 -8.46
CA SER A 172 34.62 21.77 -9.38
C SER A 172 35.47 20.53 -9.76
N VAL A 173 34.80 19.54 -10.35
CA VAL A 173 35.36 18.24 -10.67
C VAL A 173 34.75 17.78 -11.99
N THR A 174 35.52 17.03 -12.77
CA THR A 174 35.05 16.60 -14.07
C THR A 174 33.95 15.58 -13.80
N ARG A 175 33.05 15.41 -14.76
CA ARG A 175 32.04 14.36 -14.66
C ARG A 175 32.66 12.98 -14.61
N ASN A 176 33.70 12.76 -15.43
CA ASN A 176 34.41 11.48 -15.41
C ASN A 176 34.89 11.07 -14.02
N GLU A 177 35.45 12.01 -13.26
CA GLU A 177 35.94 11.70 -11.92
C GLU A 177 34.82 11.45 -10.92
N LEU A 178 33.76 12.25 -11.01
CA LEU A 178 32.59 11.99 -10.18
C LEU A 178 31.96 10.62 -10.49
N ALA A 179 32.04 10.21 -11.76
CA ALA A 179 31.53 8.92 -12.20
C ALA A 179 32.37 7.78 -11.64
N LEU A 180 33.67 7.99 -11.58
CA LEU A 180 34.58 6.97 -11.03
C LEU A 180 34.32 6.80 -9.54
N ALA A 181 34.14 7.92 -8.82
CA ALA A 181 33.70 7.86 -7.42
C ALA A 181 32.44 7.03 -7.26
N ALA A 182 31.43 7.29 -8.07
CA ALA A 182 30.21 6.51 -7.98
C ALA A 182 30.49 5.02 -8.21
N ALA A 183 31.16 4.71 -9.30
CA ALA A 183 31.53 3.31 -9.60
C ALA A 183 32.27 2.65 -8.43
N THR A 184 33.23 3.37 -7.85
CA THR A 184 33.97 2.87 -6.69
C THR A 184 33.03 2.57 -5.53
N VAL A 185 32.21 3.55 -5.15
CA VAL A 185 31.30 3.37 -4.02
C VAL A 185 30.40 2.13 -4.22
N LEU A 186 29.98 1.90 -5.47
CA LEU A 186 29.10 0.78 -5.79
C LEU A 186 29.78 -0.57 -5.89
N THR A 187 31.11 -0.62 -5.95
CA THR A 187 31.78 -1.92 -6.11
C THR A 187 32.67 -2.28 -4.93
N GLU A 188 32.40 -1.67 -3.78
CA GLU A 188 33.17 -1.97 -2.60
C GLU A 188 32.38 -1.73 -1.33
N GLU A 189 32.82 -2.42 -0.27
CA GLU A 189 32.12 -2.41 0.99
C GLU A 189 32.47 -1.16 1.79
N GLY A 190 31.73 -0.90 2.86
CA GLY A 190 32.01 0.23 3.73
C GLY A 190 31.41 1.60 3.42
N HIS A 191 30.52 1.72 2.43
CA HIS A 191 29.93 3.03 2.14
C HIS A 191 28.47 3.15 2.51
N GLU A 192 28.02 2.31 3.43
CA GLU A 192 26.60 2.31 3.77
C GLU A 192 26.35 3.41 4.74
N ASN A 193 25.30 4.19 4.47
CA ASN A 193 24.85 5.33 5.29
C ASN A 193 25.91 6.44 5.43
N LYS A 194 26.65 6.68 4.34
CA LYS A 194 27.68 7.70 4.30
C LYS A 194 27.27 8.90 3.45
N THR A 195 27.75 10.07 3.84
CA THR A 195 27.58 11.27 3.04
C THR A 195 28.99 11.70 2.66
N TYR A 196 29.29 11.75 1.36
CA TYR A 196 30.56 12.28 0.89
C TYR A 196 30.33 13.61 0.16
N ASN A 197 31.11 14.62 0.52
CA ASN A 197 31.12 15.87 -0.21
C ASN A 197 32.31 15.72 -1.14
N LEU A 198 32.00 15.54 -2.42
CA LEU A 198 32.95 15.11 -3.42
C LEU A 198 33.39 16.31 -4.25
N VAL A 199 34.42 17.00 -3.76
CA VAL A 199 34.93 18.19 -4.45
C VAL A 199 36.42 18.14 -4.74
N SER A 200 36.96 19.16 -5.40
CA SER A 200 38.39 19.22 -5.66
C SER A 200 39.21 19.76 -4.51
N ASN A 201 40.38 19.16 -4.26
CA ASN A 201 41.34 19.73 -3.32
C ASN A 201 42.46 20.49 -4.01
N GLN A 202 42.18 20.93 -5.22
CA GLN A 202 43.07 21.77 -6.00
C GLN A 202 42.20 22.78 -6.71
N PRO A 203 41.61 23.71 -5.95
CA PRO A 203 40.67 24.62 -6.58
C PRO A 203 41.38 25.64 -7.47
N TRP A 204 40.58 26.44 -8.19
CA TRP A 204 41.11 27.38 -9.18
C TRP A 204 40.23 28.64 -9.24
N THR A 205 40.68 29.65 -9.98
CA THR A 205 39.92 30.89 -10.14
C THR A 205 39.71 31.17 -11.61
N PHE A 206 38.82 32.08 -11.94
CA PHE A 206 38.69 32.40 -13.36
C PHE A 206 39.94 33.08 -13.96
N ASP A 207 40.65 33.89 -13.15
CA ASP A 207 41.85 34.54 -13.64
C ASP A 207 42.81 33.44 -14.11
N GLU A 208 42.91 32.37 -13.34
CA GLU A 208 43.76 31.26 -13.71
C GLU A 208 43.31 30.51 -14.96
N LEU A 209 42.02 30.23 -15.04
CA LEU A 209 41.46 29.61 -16.23
C LEU A 209 41.90 30.45 -17.41
N ALA A 210 41.73 31.76 -17.29
CA ALA A 210 42.08 32.67 -18.38
C ALA A 210 43.52 32.51 -18.76
N GLN A 211 44.38 32.44 -17.75
CA GLN A 211 45.78 32.37 -18.03
C GLN A 211 46.17 31.01 -18.63
N ILE A 212 45.42 29.95 -18.32
CA ILE A 212 45.71 28.62 -18.87
C ILE A 212 45.26 28.57 -20.32
N LEU A 213 44.12 29.19 -20.56
CA LEU A 213 43.56 29.33 -21.88
C LEU A 213 44.50 30.11 -22.79
N SER A 214 45.24 31.07 -22.24
CA SER A 214 46.26 31.78 -23.02
C SER A 214 47.46 30.85 -23.33
N GLU A 215 47.91 30.09 -22.34
CA GLU A 215 49.01 29.14 -22.59
C GLU A 215 48.62 28.16 -23.69
N VAL A 216 47.42 27.59 -23.58
CA VAL A 216 47.03 26.56 -24.52
C VAL A 216 46.70 27.11 -25.91
N SER A 217 46.06 28.28 -25.98
CA SER A 217 45.59 28.79 -27.27
C SER A 217 46.65 29.58 -28.02
N GLY A 218 47.62 30.11 -27.26
CA GLY A 218 48.67 30.97 -27.82
C GLY A 218 48.17 32.38 -28.00
N LYS A 219 46.94 32.64 -27.57
CA LYS A 219 46.35 33.95 -27.73
C LYS A 219 45.99 34.50 -26.36
N LYS A 220 46.17 35.80 -26.14
CA LYS A 220 45.90 36.41 -24.83
C LYS A 220 44.44 36.38 -24.44
N VAL A 221 44.14 35.81 -23.28
CA VAL A 221 42.79 35.78 -22.75
C VAL A 221 42.80 36.26 -21.30
N VAL A 222 41.87 37.16 -20.96
CA VAL A 222 41.77 37.68 -19.60
C VAL A 222 40.42 37.35 -18.99
N HIS A 223 40.36 37.20 -17.68
CA HIS A 223 39.05 37.12 -17.02
C HIS A 223 38.53 38.54 -16.91
N GLN A 224 37.27 38.74 -17.31
CA GLN A 224 36.63 40.04 -17.11
C GLN A 224 35.42 39.91 -16.22
N PRO A 225 35.62 40.12 -14.92
CA PRO A 225 34.50 39.93 -14.03
C PRO A 225 33.54 41.11 -14.12
N VAL A 226 32.25 40.85 -14.17
CA VAL A 226 31.27 41.90 -14.29
C VAL A 226 30.14 41.67 -13.31
N SER A 227 29.11 42.52 -13.35
CA SER A 227 28.01 42.39 -12.42
C SER A 227 27.00 41.34 -12.92
N PHE A 228 26.13 40.88 -12.02
CA PHE A 228 25.11 39.90 -12.30
C PHE A 228 24.31 40.31 -13.55
N GLU A 229 23.82 41.54 -13.52
CA GLU A 229 22.94 42.04 -14.55
C GLU A 229 23.69 42.18 -15.88
N GLU A 230 25.00 42.47 -15.83
CA GLU A 230 25.78 42.56 -17.04
C GLU A 230 26.05 41.16 -17.61
N GLU A 231 26.19 40.17 -16.74
CA GLU A 231 26.46 38.83 -17.22
C GLU A 231 25.23 38.29 -17.96
N LYS A 232 24.06 38.46 -17.36
CA LYS A 232 22.80 38.08 -18.00
C LYS A 232 22.67 38.73 -19.36
N ASN A 233 22.92 40.04 -19.42
CA ASN A 233 22.89 40.74 -20.69
C ASN A 233 23.95 40.26 -21.65
N PHE A 234 25.16 40.02 -21.17
CA PHE A 234 26.19 39.48 -22.03
C PHE A 234 25.72 38.18 -22.69
N VAL A 236 22.57 36.56 -22.89
CA VAL A 236 21.43 36.73 -23.77
C VAL A 236 21.86 37.27 -25.13
N ASN A 237 22.79 38.23 -25.13
CA ASN A 237 23.33 38.76 -26.37
C ASN A 237 24.19 37.76 -27.13
N ALA A 238 24.77 36.78 -26.43
CA ALA A 238 25.48 35.64 -27.07
C ALA A 238 24.49 34.56 -27.55
N GLY A 239 23.20 34.73 -27.25
CA GLY A 239 22.17 33.78 -27.71
C GLY A 239 21.66 32.75 -26.71
N VAL A 240 22.09 32.87 -25.46
CA VAL A 240 21.69 31.94 -24.45
C VAL A 240 20.28 32.32 -24.00
N PRO A 241 19.35 31.36 -24.02
CA PRO A 241 18.00 31.73 -23.60
C PRO A 241 17.98 32.26 -22.17
N GLU A 242 17.18 33.29 -21.87
CA GLU A 242 17.20 33.92 -20.55
C GLU A 242 17.01 32.97 -19.35
N PRO A 243 16.11 31.96 -19.43
CA PRO A 243 16.15 31.04 -18.27
C PRO A 243 17.53 30.43 -17.92
N PHE A 244 18.34 30.05 -18.92
CA PHE A 244 19.67 29.45 -18.67
C PHE A 244 20.70 30.52 -18.34
N ALA A 245 20.50 31.71 -18.88
CA ALA A 245 21.24 32.86 -18.43
C ALA A 245 21.06 33.09 -16.90
N GLU A 246 19.82 33.08 -16.38
CA GLU A 246 19.66 33.21 -14.94
C GLU A 246 20.46 32.15 -14.23
N ILE A 247 20.33 30.90 -14.65
CA ILE A 247 20.91 29.80 -13.93
C ILE A 247 22.40 30.02 -13.82
N THR A 248 23.06 30.26 -14.98
CA THR A 248 24.50 30.56 -15.03
C THR A 248 24.94 31.74 -14.17
N ALA A 249 24.23 32.86 -14.30
CA ALA A 249 24.57 34.06 -13.52
C ALA A 249 24.51 33.79 -12.02
N ALA A 250 23.59 32.93 -11.61
CA ALA A 250 23.32 32.68 -10.20
C ALA A 250 24.39 31.73 -9.65
N ILE A 251 24.81 30.79 -10.50
CA ILE A 251 25.98 29.99 -10.20
C ILE A 251 27.22 30.86 -9.99
N TYR A 252 27.55 31.74 -10.94
CA TYR A 252 28.74 32.58 -10.79
C TYR A 252 28.62 33.47 -9.56
N ASP A 253 27.46 34.08 -9.39
CA ASP A 253 27.24 34.95 -8.25
C ASP A 253 27.58 34.25 -6.94
N ALA A 254 27.07 33.02 -6.80
CA ALA A 254 27.33 32.14 -5.70
C ALA A 254 28.82 31.85 -5.55
N ILE A 255 29.48 31.45 -6.63
CA ILE A 255 30.94 31.34 -6.61
C ILE A 255 31.63 32.59 -6.03
N SER A 256 31.21 33.77 -6.50
CA SER A 256 31.80 35.00 -5.97
C SER A 256 31.48 35.22 -4.48
N LYS A 257 30.51 34.47 -3.94
CA LYS A 257 30.28 34.58 -2.52
C LYS A 257 30.93 33.49 -1.70
N GLY A 258 31.77 32.67 -2.32
CA GLY A 258 32.49 31.61 -1.60
C GLY A 258 31.88 30.24 -1.68
N GLU A 259 30.81 30.08 -2.46
CA GLU A 259 30.05 28.85 -2.51
C GLU A 259 30.87 27.61 -2.91
N ALA A 260 31.85 27.77 -3.79
CA ALA A 260 32.65 26.63 -4.28
C ALA A 260 34.05 26.72 -3.69
N SER A 261 34.17 27.42 -2.57
CA SER A 261 35.48 27.65 -1.97
C SER A 261 35.89 26.74 -0.81
N LYS A 262 35.01 25.86 -0.34
CA LYS A 262 35.40 24.93 0.69
C LYS A 262 35.75 23.63 0.01
N THR A 263 36.74 22.93 0.55
CA THR A 263 37.12 21.67 -0.03
C THR A 263 37.02 20.57 1.01
N SER A 264 37.20 19.36 0.52
CA SER A 264 37.13 18.15 1.31
C SER A 264 38.05 17.13 0.63
N ASP A 265 38.56 16.19 1.42
CA ASP A 265 39.41 15.12 0.94
C ASP A 265 38.66 13.85 0.59
N ASP A 266 37.33 13.84 0.79
CA ASP A 266 36.49 12.66 0.45
C ASP A 266 36.80 12.09 -0.94
N LEU A 267 36.92 12.94 -1.95
CA LEU A 267 37.05 12.45 -3.30
C LEU A 267 38.42 11.82 -3.55
N GLN A 268 39.44 12.53 -3.10
CA GLN A 268 40.80 12.13 -3.23
C GLN A 268 41.03 10.76 -2.57
N LYS A 269 40.47 10.60 -1.37
CA LYS A 269 40.54 9.34 -0.64
C LYS A 269 39.77 8.23 -1.35
N LEU A 270 38.78 8.62 -2.14
CA LEU A 270 38.00 7.65 -2.88
C LEU A 270 38.65 7.23 -4.23
N ILE A 271 39.29 8.15 -4.97
CA ILE A 271 39.76 7.81 -6.34
C ILE A 271 41.21 8.11 -6.71
N GLY A 272 41.94 8.78 -5.84
CA GLY A 272 43.29 9.20 -6.14
C GLY A 272 43.32 10.66 -6.52
N SER A 273 44.44 11.09 -7.09
CA SER A 273 44.65 12.46 -7.47
C SER A 273 43.73 12.87 -8.62
N LEU A 274 43.46 14.15 -8.72
CA LEU A 274 42.55 14.66 -9.72
C LEU A 274 43.25 15.08 -11.01
N THR A 275 42.46 15.20 -12.07
CA THR A 275 42.91 15.69 -13.36
C THR A 275 43.25 17.18 -13.27
N PRO A 276 44.49 17.55 -13.65
CA PRO A 276 44.85 18.96 -13.63
C PRO A 276 43.98 19.77 -14.57
N LEU A 277 43.62 20.96 -14.11
CA LEU A 277 42.76 21.85 -14.87
C LEU A 277 43.25 22.02 -16.33
N LYS A 278 44.57 22.18 -16.49
CA LYS A 278 45.21 22.29 -17.81
C LYS A 278 44.87 21.14 -18.75
N GLU A 279 44.94 19.89 -18.28
CA GLU A 279 44.53 18.75 -19.12
C GLU A 279 43.10 18.83 -19.60
N THR A 280 42.21 19.24 -18.70
CA THR A 280 40.79 19.39 -19.05
C THR A 280 40.58 20.50 -20.08
N VAL A 281 41.31 21.60 -19.94
CA VAL A 281 41.24 22.68 -20.92
C VAL A 281 41.70 22.21 -22.31
N LYS A 282 42.85 21.53 -22.38
CA LYS A 282 43.38 21.03 -23.67
C LYS A 282 42.36 20.11 -24.33
N GLN A 283 41.83 19.17 -23.54
CA GLN A 283 40.83 18.23 -24.00
C GLN A 283 39.53 18.87 -24.47
N ALA A 284 39.11 19.92 -23.80
CA ALA A 284 37.87 20.59 -24.15
C ALA A 284 37.98 21.24 -25.52
N LEU A 285 39.10 21.88 -25.79
CA LEU A 285 39.37 22.48 -27.10
C LEU A 285 39.91 21.42 -28.09
N PHE B 1 -9.25 37.54 -4.63
CA PHE B 1 -8.52 37.06 -3.41
C PHE B 1 -9.20 35.87 -2.73
N SER B 2 -8.43 34.76 -2.61
CA SER B 2 -8.87 33.52 -1.98
C SER B 2 -7.87 32.92 -0.97
N ILE B 3 -8.37 32.50 0.19
CA ILE B 3 -7.63 31.58 1.07
C ILE B 3 -8.24 30.19 1.05
N ALA B 4 -7.47 29.20 0.61
CA ALA B 4 -7.84 27.80 0.61
C ALA B 4 -7.15 27.05 1.76
N VAL B 5 -7.90 26.09 2.31
CA VAL B 5 -7.42 25.20 3.34
C VAL B 5 -7.60 23.71 2.99
N THR B 6 -6.51 22.97 2.89
CA THR B 6 -6.62 21.51 2.71
C THR B 6 -6.97 20.84 4.03
N GLY B 7 -7.45 19.61 3.96
CA GLY B 7 -7.91 18.87 5.15
C GLY B 7 -8.97 19.63 5.92
N ALA B 8 -9.81 20.37 5.20
CA ALA B 8 -10.81 21.23 5.83
C ALA B 8 -11.88 20.49 6.62
N THR B 9 -11.99 19.18 6.48
CA THR B 9 -12.95 18.40 7.31
C THR B 9 -12.25 17.70 8.47
N GLY B 10 -10.94 17.54 8.36
CA GLY B 10 -10.12 17.11 9.50
C GLY B 10 -10.28 18.05 10.68
N GLN B 11 -9.68 17.69 11.80
CA GLN B 11 -9.89 18.46 13.02
C GLN B 11 -9.16 19.80 13.07
N LEU B 12 -7.91 19.83 12.60
CA LEU B 12 -7.20 21.08 12.51
C LEU B 12 -7.83 22.01 11.49
N GLY B 13 -7.99 21.48 10.26
CA GLY B 13 -8.59 22.20 9.14
C GLY B 13 -9.92 22.85 9.45
N GLY B 14 -10.84 22.08 10.05
CA GLY B 14 -12.14 22.59 10.45
C GLY B 14 -12.03 23.82 11.34
N LEU B 15 -11.17 23.74 12.35
CA LEU B 15 -11.00 24.87 13.29
C LEU B 15 -10.35 26.08 12.64
N VAL B 16 -9.42 25.84 11.73
CA VAL B 16 -8.84 26.93 10.94
C VAL B 16 -9.93 27.69 10.18
N ILE B 17 -10.83 26.96 9.52
CA ILE B 17 -11.91 27.60 8.81
C ILE B 17 -12.85 28.37 9.73
N GLN B 18 -13.20 27.80 10.89
CA GLN B 18 -13.93 28.54 11.95
C GLN B 18 -13.29 29.91 12.19
N HIS B 19 -11.97 29.92 12.40
CA HIS B 19 -11.22 31.14 12.71
C HIS B 19 -11.14 32.10 11.55
N LEU B 20 -10.82 31.59 10.35
CA LEU B 20 -10.92 32.37 9.10
C LEU B 20 -12.29 33.08 8.94
N ALA B 22 -14.27 34.19 11.19
CA ALA B 22 -14.28 35.33 12.12
C ALA B 22 -13.48 36.53 11.57
N ALA B 23 -12.63 36.30 10.57
CA ALA B 23 -11.77 37.38 10.08
C ALA B 23 -12.08 37.86 8.66
N VAL B 24 -12.65 37.00 7.82
CA VAL B 24 -12.93 37.37 6.43
C VAL B 24 -14.33 36.91 5.99
N PRO B 25 -14.88 37.54 4.95
CA PRO B 25 -16.11 36.99 4.38
C PRO B 25 -15.94 35.54 3.82
N ALA B 26 -16.95 34.73 4.08
CA ALA B 26 -17.02 33.35 3.64
C ALA B 26 -16.67 33.18 2.14
N SER B 27 -17.06 34.15 1.33
CA SER B 27 -16.81 34.09 -0.11
C SER B 27 -15.35 34.15 -0.45
N GLN B 28 -14.51 34.34 0.57
CA GLN B 28 -13.09 34.43 0.34
C GLN B 28 -12.36 33.20 0.88
N ILE B 29 -13.11 32.31 1.53
CA ILE B 29 -12.52 31.05 2.00
C ILE B 29 -12.89 29.87 1.08
N ILE B 30 -11.91 29.03 0.78
CA ILE B 30 -12.14 27.83 -0.01
C ILE B 30 -11.72 26.62 0.80
N ALA B 31 -12.63 25.65 0.96
CA ALA B 31 -12.33 24.41 1.65
C ALA B 31 -11.95 23.30 0.65
N ILE B 32 -10.82 22.62 0.88
CA ILE B 32 -10.41 21.47 0.02
C ILE B 32 -10.51 20.16 0.82
N VAL B 33 -11.24 19.18 0.29
CA VAL B 33 -11.54 17.95 1.02
C VAL B 33 -11.56 16.77 0.06
N ARG B 34 -11.44 15.55 0.59
CA ARG B 34 -11.57 14.35 -0.24
C ARG B 34 -13.05 14.11 -0.61
N ASN B 35 -13.96 14.36 0.34
CA ASN B 35 -15.37 14.05 0.17
C ASN B 35 -16.21 15.34 0.24
N VAL B 36 -16.56 15.93 -0.91
CA VAL B 36 -17.21 17.25 -0.85
C VAL B 36 -18.61 17.21 -0.25
N GLU B 37 -19.36 16.14 -0.49
CA GLU B 37 -20.69 15.98 0.08
C GLU B 37 -20.72 16.07 1.61
N LYS B 38 -19.69 15.56 2.28
CA LYS B 38 -19.64 15.62 3.74
C LYS B 38 -19.34 17.01 4.27
N ALA B 39 -18.74 17.85 3.43
CA ALA B 39 -18.41 19.20 3.82
C ALA B 39 -19.53 20.16 3.45
N SER B 40 -20.68 19.64 3.03
CA SER B 40 -21.77 20.51 2.55
C SER B 40 -22.22 21.59 3.52
N THR B 41 -21.92 21.43 4.81
CA THR B 41 -22.36 22.42 5.79
C THR B 41 -21.54 23.71 5.65
N LEU B 42 -20.29 23.56 5.22
CA LEU B 42 -19.45 24.72 4.89
C LEU B 42 -20.05 25.47 3.71
N ALA B 43 -20.39 24.73 2.66
CA ALA B 43 -21.06 25.32 1.52
C ALA B 43 -22.37 26.02 1.88
N ASP B 44 -23.17 25.47 2.79
CA ASP B 44 -24.41 26.12 3.25
C ASP B 44 -24.15 27.50 3.83
N GLN B 45 -23.00 27.64 4.48
CA GLN B 45 -22.59 28.90 5.08
C GLN B 45 -21.80 29.78 4.11
N GLY B 46 -21.71 29.35 2.87
CA GLY B 46 -21.04 30.15 1.82
C GLY B 46 -19.56 29.88 1.56
N VAL B 47 -19.04 28.76 2.05
CA VAL B 47 -17.63 28.43 1.81
C VAL B 47 -17.52 27.49 0.63
N GLU B 48 -16.92 27.93 -0.47
CA GLU B 48 -16.79 27.02 -1.59
C GLU B 48 -15.99 25.80 -1.16
N VAL B 49 -16.51 24.62 -1.47
CA VAL B 49 -15.86 23.36 -1.13
C VAL B 49 -15.39 22.71 -2.44
N ARG B 50 -14.10 22.44 -2.54
CA ARG B 50 -13.53 21.85 -3.75
C ARG B 50 -12.93 20.48 -3.46
N HIS B 51 -12.97 19.56 -4.42
CA HIS B 51 -12.41 18.20 -4.21
C HIS B 51 -10.90 18.21 -4.38
N GLY B 52 -10.20 17.67 -3.38
CA GLY B 52 -8.74 17.55 -3.44
C GLY B 52 -8.23 16.23 -2.86
N ASP B 53 -7.55 15.47 -3.69
CA ASP B 53 -6.96 14.22 -3.23
C ASP B 53 -5.45 14.24 -3.55
N TYR B 54 -4.63 14.06 -2.53
CA TYR B 54 -3.17 14.21 -2.70
C TYR B 54 -2.54 13.24 -3.72
N ASN B 55 -3.20 12.11 -3.98
CA ASN B 55 -2.75 11.17 -4.99
C ASN B 55 -3.15 11.61 -6.41
N GLN B 56 -3.78 12.77 -6.53
CA GLN B 56 -4.43 13.11 -7.79
C GLN B 56 -4.08 14.50 -8.31
N PRO B 57 -2.93 14.62 -8.99
CA PRO B 57 -2.48 15.91 -9.52
C PRO B 57 -3.61 16.69 -10.18
N GLU B 58 -4.47 16.00 -10.95
CA GLU B 58 -5.56 16.65 -11.66
C GLU B 58 -6.58 17.22 -10.68
N SER B 59 -6.84 16.52 -9.59
CA SER B 59 -7.79 17.06 -8.61
C SER B 59 -7.26 18.35 -8.02
N LEU B 60 -5.93 18.43 -7.87
CA LEU B 60 -5.30 19.58 -7.21
C LEU B 60 -5.16 20.83 -8.09
N GLN B 61 -4.96 20.63 -9.39
CA GLN B 61 -5.00 21.71 -10.38
C GLN B 61 -6.30 22.49 -10.29
N LYS B 62 -7.39 21.79 -10.01
CA LYS B 62 -8.69 22.44 -9.93
C LYS B 62 -8.94 22.99 -8.54
N ALA B 63 -8.54 22.26 -7.51
CA ALA B 63 -8.70 22.79 -6.15
C ALA B 63 -7.94 24.09 -5.97
N PHE B 64 -6.75 24.18 -6.55
CA PHE B 64 -5.88 25.33 -6.29
C PHE B 64 -6.05 26.51 -7.27
N ALA B 65 -6.84 26.33 -8.33
CA ALA B 65 -7.06 27.38 -9.35
C ALA B 65 -7.51 28.71 -8.75
N GLY B 66 -6.80 29.78 -9.08
CA GLY B 66 -7.12 31.08 -8.55
C GLY B 66 -6.99 31.31 -7.06
N VAL B 67 -6.45 30.36 -6.29
CA VAL B 67 -6.22 30.66 -4.86
C VAL B 67 -5.01 31.54 -4.59
N SER B 68 -5.19 32.51 -3.66
CA SER B 68 -4.12 33.45 -3.33
C SER B 68 -3.17 32.87 -2.28
N LYS B 69 -3.75 32.43 -1.16
CA LYS B 69 -3.01 31.86 -0.04
C LYS B 69 -3.54 30.47 0.21
N LEU B 70 -2.60 29.54 0.33
CA LEU B 70 -2.92 28.14 0.60
C LEU B 70 -2.36 27.70 1.95
N LEU B 71 -3.24 27.15 2.79
CA LEU B 71 -2.81 26.38 3.94
C LEU B 71 -2.79 24.93 3.57
N PHE B 72 -1.58 24.39 3.52
CA PHE B 72 -1.33 23.05 3.09
C PHE B 72 -1.12 22.27 4.37
N ILE B 73 -2.17 21.55 4.78
CA ILE B 73 -2.09 20.74 6.00
C ILE B 73 -1.53 19.40 5.59
N SER B 74 -0.54 18.91 6.32
CA SER B 74 0.21 17.72 5.91
C SER B 74 -0.68 16.50 5.96
N GLY B 75 -0.38 15.54 5.07
CA GLY B 75 -1.10 14.28 4.96
C GLY B 75 -1.16 13.43 6.23
N PRO B 76 -2.27 12.70 6.41
CA PRO B 76 -2.41 11.76 7.55
C PRO B 76 -1.78 10.38 7.35
N HIS B 77 -1.45 10.04 6.10
CA HIS B 77 -1.02 8.68 5.77
C HIS B 77 0.10 8.16 6.69
N TYR B 78 0.23 6.82 6.78
CA TYR B 78 1.27 6.16 7.63
C TYR B 78 2.52 5.81 6.81
N ASP B 79 2.39 5.78 5.49
CA ASP B 79 3.49 5.50 4.58
C ASP B 79 4.25 6.81 4.34
N ASN B 80 5.26 7.04 5.17
CA ASN B 80 6.12 8.22 5.03
C ASN B 80 6.64 8.44 3.61
N THR B 81 7.02 7.39 2.92
CA THR B 81 7.57 7.52 1.59
C THR B 81 6.48 7.88 0.59
N LEU B 82 5.30 7.31 0.70
CA LEU B 82 4.15 7.77 -0.09
C LEU B 82 3.82 9.21 0.27
N LEU B 83 4.01 9.55 1.52
CA LEU B 83 3.70 10.89 1.96
C LEU B 83 4.53 11.95 1.22
N ILE B 84 5.78 11.61 0.90
CA ILE B 84 6.62 12.53 0.14
C ILE B 84 6.10 12.72 -1.27
N VAL B 85 5.63 11.64 -1.86
CA VAL B 85 5.09 11.70 -3.21
C VAL B 85 3.86 12.57 -3.20
N GLN B 86 3.00 12.37 -2.20
CA GLN B 86 1.75 13.13 -2.08
C GLN B 86 2.05 14.60 -1.89
N HIS B 87 2.95 14.93 -0.95
CA HIS B 87 3.28 16.33 -0.67
C HIS B 87 3.93 17.01 -1.90
N ALA B 88 4.79 16.28 -2.59
CA ALA B 88 5.40 16.78 -3.82
C ALA B 88 4.32 17.17 -4.85
N ASN B 89 3.33 16.30 -5.07
CA ASN B 89 2.16 16.67 -5.87
C ASN B 89 1.48 17.97 -5.40
N VAL B 90 1.30 18.13 -4.09
CA VAL B 90 0.60 19.32 -3.61
C VAL B 90 1.40 20.57 -4.02
N VAL B 91 2.69 20.51 -3.76
CA VAL B 91 3.61 21.61 -3.98
C VAL B 91 3.62 21.98 -5.44
N LYS B 92 3.81 21.00 -6.31
CA LYS B 92 3.85 21.29 -7.74
C LYS B 92 2.55 21.87 -8.25
N ALA B 93 1.43 21.39 -7.72
CA ALA B 93 0.13 21.96 -8.11
C ALA B 93 -0.03 23.40 -7.62
N ALA B 94 0.48 23.68 -6.42
CA ALA B 94 0.38 25.05 -5.85
C ALA B 94 1.21 26.04 -6.69
N ARG B 95 2.42 25.62 -7.06
CA ARG B 95 3.33 26.31 -7.97
C ARG B 95 2.67 26.57 -9.34
N ASP B 96 2.20 25.51 -9.99
CA ASP B 96 1.53 25.63 -11.29
C ASP B 96 0.31 26.57 -11.29
N ALA B 97 -0.41 26.64 -10.16
CA ALA B 97 -1.64 27.42 -10.09
C ALA B 97 -1.37 28.87 -9.74
N GLY B 98 -0.10 29.20 -9.53
CA GLY B 98 0.28 30.56 -9.16
C GLY B 98 -0.20 31.00 -7.79
N VAL B 99 -0.28 30.06 -6.84
CA VAL B 99 -0.60 30.40 -5.46
C VAL B 99 0.41 31.45 -4.98
N LYS B 100 -0.04 32.49 -4.28
CA LYS B 100 0.84 33.61 -3.93
C LYS B 100 1.52 33.51 -2.55
N HIS B 101 0.96 32.68 -1.67
CA HIS B 101 1.53 32.43 -0.36
C HIS B 101 1.14 31.00 0.10
N ILE B 102 2.12 30.20 0.53
CA ILE B 102 1.87 28.85 1.06
C ILE B 102 2.20 28.73 2.55
N ALA B 103 1.21 28.36 3.35
CA ALA B 103 1.48 28.02 4.74
C ALA B 103 1.41 26.49 4.87
N TYR B 104 2.42 25.93 5.52
CA TYR B 104 2.54 24.49 5.63
C TYR B 104 2.72 24.05 7.08
N THR B 105 1.92 23.07 7.49
CA THR B 105 2.00 22.52 8.84
C THR B 105 3.02 21.41 8.90
N GLY B 106 4.16 21.74 9.50
CA GLY B 106 5.31 20.85 9.59
C GLY B 106 5.49 20.34 11.00
N TYR B 107 6.74 20.17 11.39
CA TYR B 107 7.10 19.42 12.58
C TYR B 107 8.17 20.22 13.35
N ALA B 108 7.84 20.63 14.58
CA ALA B 108 8.74 21.46 15.38
C ALA B 108 10.10 20.79 15.59
N PHE B 109 11.16 21.58 15.44
CA PHE B 109 12.54 21.13 15.72
C PHE B 109 12.87 19.88 14.92
N ALA B 110 12.37 19.84 13.68
CA ALA B 110 12.52 18.68 12.83
C ALA B 110 13.99 18.28 12.60
N GLU B 111 14.90 19.24 12.55
CA GLU B 111 16.32 18.98 12.24
C GLU B 111 16.96 18.13 13.33
N GLU B 112 16.37 18.18 14.51
CA GLU B 112 16.92 17.52 15.68
C GLU B 112 16.28 16.18 15.92
N SER B 113 15.28 15.87 15.09
CA SER B 113 14.38 14.80 15.40
C SER B 113 14.87 13.40 15.09
N ILE B 114 14.25 12.47 15.81
CA ILE B 114 14.64 11.06 15.87
C ILE B 114 13.47 10.18 15.38
N ILE B 115 12.74 10.70 14.42
CA ILE B 115 11.46 10.13 14.03
C ILE B 115 11.36 10.38 12.54
N PRO B 116 11.11 9.32 11.76
CA PRO B 116 11.14 9.39 10.30
C PRO B 116 10.16 10.42 9.75
N LEU B 117 9.02 10.57 10.42
CA LEU B 117 8.06 11.58 10.04
C LEU B 117 8.71 12.98 9.91
N ALA B 118 9.75 13.23 10.70
CA ALA B 118 10.45 14.50 10.60
C ALA B 118 11.11 14.69 9.21
N HIS B 119 11.64 13.62 8.65
CA HIS B 119 12.19 13.65 7.29
C HIS B 119 11.17 14.01 6.20
N VAL B 120 9.91 13.57 6.38
CA VAL B 120 8.83 13.93 5.48
C VAL B 120 8.61 15.45 5.49
N HIS B 121 8.57 16.03 6.68
CA HIS B 121 8.33 17.46 6.83
C HIS B 121 9.51 18.28 6.31
N LEU B 122 10.73 17.93 6.70
CA LEU B 122 11.88 18.58 6.07
C LEU B 122 11.88 18.42 4.51
N ALA B 123 11.62 17.22 3.98
CA ALA B 123 11.58 17.10 2.54
C ALA B 123 10.53 18.06 1.95
N THR B 124 9.40 18.20 2.65
CA THR B 124 8.29 18.99 2.14
C THR B 124 8.62 20.48 2.14
N GLU B 125 9.20 20.94 3.22
CA GLU B 125 9.76 22.28 3.33
C GLU B 125 10.79 22.58 2.25
N TYR B 126 11.69 21.68 1.97
CA TYR B 126 12.54 21.95 0.79
C TYR B 126 11.73 22.02 -0.51
N ALA B 127 10.78 21.11 -0.72
CA ALA B 127 10.01 21.12 -1.95
C ALA B 127 9.39 22.49 -2.11
N ILE B 128 8.79 23.01 -1.03
CA ILE B 128 8.12 24.29 -1.08
C ILE B 128 9.12 25.39 -1.42
N ARG B 129 10.29 25.36 -0.79
CA ARG B 129 11.36 26.31 -1.12
C ARG B 129 11.65 26.36 -2.63
N THR B 130 11.61 25.20 -3.33
CA THR B 130 11.92 25.19 -4.75
C THR B 130 10.99 26.05 -5.60
N THR B 131 9.79 26.36 -5.10
CA THR B 131 8.79 27.07 -5.90
C THR B 131 8.98 28.58 -5.93
N ASN B 132 9.74 29.10 -4.98
CA ASN B 132 9.88 30.55 -4.77
C ASN B 132 8.61 31.25 -4.26
N ILE B 133 7.59 30.48 -3.93
CA ILE B 133 6.38 31.09 -3.35
C ILE B 133 6.66 31.49 -1.90
N PRO B 134 6.36 32.74 -1.56
CA PRO B 134 6.49 33.11 -0.15
C PRO B 134 5.74 32.14 0.76
N TYR B 135 6.37 31.77 1.87
CA TYR B 135 5.96 30.61 2.66
C TYR B 135 5.89 30.89 4.15
N THR B 136 5.16 30.07 4.86
CA THR B 136 5.23 30.09 6.30
C THR B 136 5.23 28.65 6.78
N PHE B 137 6.32 28.25 7.47
CA PHE B 137 6.41 26.94 8.01
C PHE B 137 5.88 26.94 9.42
N LEU B 138 4.65 26.46 9.57
CA LEU B 138 3.99 26.39 10.84
C LEU B 138 4.38 25.05 11.44
N ARG B 139 5.45 25.03 12.21
CA ARG B 139 5.90 23.73 12.72
C ARG B 139 5.17 23.38 14.02
N ASN B 140 4.08 22.66 13.88
CA ASN B 140 3.19 22.26 14.97
C ASN B 140 3.71 21.23 15.97
N ALA B 141 3.43 21.45 17.25
CA ALA B 141 3.70 20.46 18.29
C ALA B 141 2.67 19.33 18.19
N LEU B 142 2.93 18.18 18.82
CA LEU B 142 1.86 17.22 19.08
C LEU B 142 0.66 17.94 19.71
N TYR B 143 -0.54 17.42 19.46
CA TYR B 143 -1.74 18.05 19.97
C TYR B 143 -1.98 17.64 21.42
N THR B 144 -2.18 18.60 22.29
CA THR B 144 -2.53 18.31 23.67
C THR B 144 -3.73 17.35 23.73
N ASP B 145 -4.64 17.52 22.78
CA ASP B 145 -5.92 16.80 22.76
C ASP B 145 -5.71 15.30 22.52
N PHE B 146 -4.54 14.92 22.02
CA PHE B 146 -4.19 13.51 21.87
C PHE B 146 -4.00 12.78 23.21
N PHE B 147 -3.66 13.52 24.27
CA PHE B 147 -3.33 12.94 25.57
C PHE B 147 -4.38 13.33 26.57
N VAL B 148 -4.87 14.56 26.44
CA VAL B 148 -5.91 15.09 27.32
C VAL B 148 -7.22 15.07 26.54
N ASN B 149 -7.99 14.02 26.75
CA ASN B 149 -9.30 13.86 26.14
C ASN B 149 -10.15 12.99 27.03
N GLU B 150 -11.47 13.03 26.83
CA GLU B 150 -12.41 12.36 27.76
C GLU B 150 -12.06 10.88 27.99
N GLY B 151 -11.21 10.32 27.12
CA GLY B 151 -10.63 8.98 27.31
C GLY B 151 -9.93 8.80 28.65
N LEU B 152 -9.65 9.91 29.34
CA LEU B 152 -8.97 9.89 30.63
C LEU B 152 -9.85 9.37 31.77
N ARG B 153 -11.16 9.23 31.51
CA ARG B 153 -12.09 8.64 32.50
C ARG B 153 -11.67 7.22 32.86
N ALA B 154 -11.19 6.49 31.85
CA ALA B 154 -10.57 5.17 32.02
C ALA B 154 -9.50 5.19 33.11
N SER B 155 -8.68 6.23 33.10
CA SER B 155 -7.62 6.41 34.09
C SER B 155 -8.15 6.90 35.43
N THR B 156 -9.21 7.72 35.39
CA THR B 156 -9.89 8.17 36.61
C THR B 156 -10.38 6.95 37.36
N GLU B 157 -11.14 6.12 36.64
CA GLU B 157 -11.74 4.92 37.20
C GLU B 157 -10.65 3.96 37.70
N SER B 158 -9.67 3.67 36.85
CA SER B 158 -8.67 2.64 37.16
C SER B 158 -7.58 3.14 38.12
N GLY B 159 -7.53 4.45 38.34
CA GLY B 159 -6.52 5.04 39.22
C GLY B 159 -5.11 5.14 38.65
N ALA B 160 -4.96 5.00 37.33
CA ALA B 160 -3.64 5.06 36.69
C ALA B 160 -3.66 5.51 35.22
N ILE B 161 -2.68 6.35 34.85
CA ILE B 161 -2.45 6.63 33.45
C ILE B 161 -1.26 5.77 33.07
N VAL B 162 -1.51 4.85 32.15
CA VAL B 162 -0.51 3.89 31.76
C VAL B 162 0.05 4.35 30.43
N THR B 163 1.33 4.73 30.43
CA THR B 163 1.99 5.10 29.18
C THR B 163 3.34 4.41 29.12
N ASN B 164 3.95 4.41 27.93
CA ASN B 164 5.39 4.18 27.91
C ASN B 164 6.20 5.48 27.74
N ALA B 165 5.68 6.60 28.24
CA ALA B 165 6.38 7.92 28.06
C ALA B 165 7.48 8.20 29.07
N GLY B 166 7.57 7.36 30.10
CA GLY B 166 8.53 7.58 31.20
C GLY B 166 8.40 8.99 31.75
N SER B 167 9.53 9.63 32.03
N SER B 167 9.55 9.63 31.94
CA SER B 167 9.49 11.02 32.53
CA SER B 167 9.64 10.97 32.53
C SER B 167 9.89 12.02 31.45
C SER B 167 9.69 12.11 31.51
N GLY B 168 9.39 11.77 30.24
CA GLY B 168 9.63 12.66 29.11
C GLY B 168 8.72 13.85 29.21
N ILE B 169 9.22 14.97 28.72
CA ILE B 169 8.59 16.25 28.83
C ILE B 169 7.77 16.49 27.57
N VAL B 170 6.60 17.10 27.75
CA VAL B 170 5.66 17.24 26.66
C VAL B 170 5.33 18.70 26.46
N ASN B 171 5.65 19.18 25.25
CA ASN B 171 5.53 20.56 24.85
C ASN B 171 4.31 20.82 23.96
N SER B 172 3.38 19.88 23.97
CA SER B 172 2.13 19.99 23.24
C SER B 172 1.32 21.28 23.51
N VAL B 173 0.50 21.64 22.52
CA VAL B 173 -0.49 22.69 22.67
C VAL B 173 -1.76 22.22 22.00
N THR B 174 -2.84 22.97 22.21
CA THR B 174 -4.16 22.51 21.75
C THR B 174 -4.33 22.73 20.26
N ARG B 175 -5.18 21.92 19.65
CA ARG B 175 -5.57 22.08 18.26
C ARG B 175 -6.05 23.47 17.95
N ASN B 176 -6.95 23.97 18.79
CA ASN B 176 -7.48 25.30 18.63
C ASN B 176 -6.40 26.37 18.51
N GLU B 177 -5.42 26.34 19.42
CA GLU B 177 -4.28 27.25 19.41
C GLU B 177 -3.49 27.20 18.10
N LEU B 178 -3.18 26.01 17.61
CA LEU B 178 -2.49 25.88 16.33
C LEU B 178 -3.37 26.41 15.17
N ALA B 179 -4.66 26.13 15.26
CA ALA B 179 -5.58 26.56 14.22
C ALA B 179 -5.60 28.07 14.23
N LEU B 180 -5.63 28.63 15.43
CA LEU B 180 -5.60 30.08 15.56
C LEU B 180 -4.31 30.64 14.94
N ALA B 181 -3.18 29.97 15.18
CA ALA B 181 -1.92 30.43 14.63
C ALA B 181 -1.98 30.38 13.13
N ALA B 182 -2.52 29.29 12.58
CA ALA B 182 -2.65 29.14 11.11
C ALA B 182 -3.44 30.30 10.54
N ALA B 183 -4.57 30.61 11.17
CA ALA B 183 -5.47 31.64 10.67
C ALA B 183 -4.88 33.03 10.79
N THR B 184 -4.05 33.22 11.82
CA THR B 184 -3.46 34.53 12.11
C THR B 184 -2.42 34.80 11.02
N VAL B 185 -1.65 33.79 10.67
CA VAL B 185 -0.63 33.93 9.67
C VAL B 185 -1.26 34.22 8.29
N LEU B 186 -2.38 33.60 7.98
CA LEU B 186 -3.02 33.85 6.70
C LEU B 186 -3.72 35.20 6.60
N THR B 187 -4.01 35.84 7.73
CA THR B 187 -4.82 37.05 7.67
C THR B 187 -4.13 38.30 8.17
N GLU B 188 -2.83 38.20 8.40
CA GLU B 188 -2.09 39.40 8.71
C GLU B 188 -0.71 39.38 8.10
N GLU B 189 -0.06 40.53 8.12
CA GLU B 189 1.13 40.69 7.35
C GLU B 189 2.32 40.41 8.23
N GLY B 190 3.46 40.13 7.61
CA GLY B 190 4.69 40.02 8.36
C GLY B 190 5.09 38.59 8.69
N HIS B 191 4.44 37.63 8.04
CA HIS B 191 4.76 36.20 8.26
C HIS B 191 5.35 35.50 7.05
N GLU B 192 5.62 36.25 6.01
CA GLU B 192 6.15 35.68 4.78
C GLU B 192 7.62 35.28 4.91
N ASN B 193 7.93 34.05 4.49
CA ASN B 193 9.26 33.46 4.59
C ASN B 193 9.71 33.16 6.04
N LYS B 194 8.76 32.82 6.91
CA LYS B 194 9.07 32.61 8.33
C LYS B 194 8.94 31.16 8.73
N THR B 195 9.80 30.70 9.61
CA THR B 195 9.64 29.39 10.21
C THR B 195 9.33 29.53 11.67
N TYR B 196 8.27 28.87 12.15
CA TYR B 196 7.83 29.01 13.57
C TYR B 196 7.79 27.66 14.29
N ASN B 197 8.39 27.57 15.47
CA ASN B 197 8.26 26.34 16.20
C ASN B 197 7.14 26.56 17.22
N LEU B 198 5.99 26.02 16.87
CA LEU B 198 4.76 26.30 17.54
C LEU B 198 4.51 25.23 18.60
N VAL B 199 5.22 25.40 19.72
CA VAL B 199 5.15 24.50 20.87
C VAL B 199 4.93 25.31 22.18
N SER B 200 4.73 24.61 23.28
CA SER B 200 4.55 25.27 24.57
C SER B 200 5.87 25.81 25.15
N ASN B 201 5.78 26.87 25.96
CA ASN B 201 6.91 27.29 26.75
C ASN B 201 6.65 27.00 28.22
N GLN B 202 5.65 26.15 28.46
CA GLN B 202 5.26 25.69 29.78
C GLN B 202 4.93 24.21 29.72
N PRO B 203 5.95 23.37 29.48
CA PRO B 203 5.66 21.98 29.21
C PRO B 203 5.35 21.23 30.49
N TRP B 204 4.91 20.00 30.34
CA TRP B 204 4.47 19.16 31.44
C TRP B 204 4.97 17.73 31.28
N THR B 205 4.69 16.89 32.28
CA THR B 205 5.01 15.46 32.23
C THR B 205 3.77 14.70 32.62
N PHE B 206 3.79 13.39 32.33
CA PHE B 206 2.69 12.55 32.71
C PHE B 206 2.42 12.45 34.22
N ASP B 207 3.49 12.47 35.03
CA ASP B 207 3.35 12.62 36.47
C ASP B 207 2.54 13.87 36.81
N GLU B 208 2.85 14.98 36.14
CA GLU B 208 2.05 16.17 36.38
C GLU B 208 0.62 15.95 35.92
N LEU B 209 0.44 15.32 34.77
CA LEU B 209 -0.89 15.12 34.26
C LEU B 209 -1.70 14.32 35.28
N ALA B 210 -1.09 13.28 35.82
CA ALA B 210 -1.73 12.44 36.81
C ALA B 210 -2.07 13.21 38.07
N GLN B 211 -1.30 14.24 38.39
CA GLN B 211 -1.59 15.01 39.59
C GLN B 211 -2.73 15.98 39.33
N ILE B 212 -2.80 16.49 38.10
CA ILE B 212 -3.86 17.41 37.74
C ILE B 212 -5.18 16.67 37.62
N LEU B 213 -5.12 15.47 37.04
CA LEU B 213 -6.30 14.64 36.89
C LEU B 213 -6.84 14.28 38.28
N SER B 214 -5.95 14.07 39.24
CA SER B 214 -6.35 13.91 40.64
C SER B 214 -7.12 15.12 41.13
N GLU B 215 -6.45 16.28 41.24
CA GLU B 215 -7.08 17.51 41.74
C GLU B 215 -8.45 17.76 41.09
N VAL B 216 -8.52 17.64 39.77
CA VAL B 216 -9.75 17.94 39.02
C VAL B 216 -10.92 16.97 39.27
N SER B 217 -10.61 15.67 39.25
CA SER B 217 -11.62 14.63 39.35
C SER B 217 -12.09 14.43 40.78
N GLY B 218 -11.15 14.50 41.72
CA GLY B 218 -11.42 14.12 43.11
C GLY B 218 -10.71 12.84 43.50
N LYS B 219 -10.65 11.88 42.58
CA LYS B 219 -10.02 10.57 42.82
C LYS B 219 -8.48 10.63 42.72
N LYS B 220 -7.81 9.63 43.28
CA LYS B 220 -6.35 9.48 43.18
C LYS B 220 -5.94 8.77 41.88
N VAL B 221 -5.04 9.39 41.13
CA VAL B 221 -4.53 8.82 39.90
C VAL B 221 -3.02 8.99 39.86
N VAL B 222 -2.31 7.92 39.58
CA VAL B 222 -0.87 8.02 39.40
C VAL B 222 -0.49 7.77 37.94
N HIS B 223 0.78 8.00 37.62
CA HIS B 223 1.28 7.68 36.31
C HIS B 223 2.03 6.38 36.39
N GLN B 224 1.79 5.51 35.42
CA GLN B 224 2.42 4.21 35.41
C GLN B 224 3.21 3.98 34.12
N PRO B 225 4.49 4.33 34.12
CA PRO B 225 5.32 4.12 32.95
C PRO B 225 5.71 2.65 32.80
N VAL B 226 5.48 2.10 31.61
CA VAL B 226 5.79 0.71 31.32
C VAL B 226 6.68 0.65 30.08
N SER B 227 7.06 -0.55 29.66
CA SER B 227 7.85 -0.68 28.44
C SER B 227 6.98 -0.45 27.22
N PHE B 228 7.65 -0.31 26.08
CA PHE B 228 7.04 -0.24 24.78
C PHE B 228 6.13 -1.49 24.54
N GLU B 229 6.69 -2.70 24.74
CA GLU B 229 5.95 -3.96 24.55
C GLU B 229 4.74 -4.02 25.48
N GLU B 230 4.96 -3.70 26.75
CA GLU B 230 3.92 -3.70 27.76
C GLU B 230 2.74 -2.81 27.36
N GLU B 231 3.02 -1.60 26.86
CA GLU B 231 1.97 -0.68 26.42
C GLU B 231 1.15 -1.20 25.25
N LYS B 232 1.85 -1.67 24.21
CA LYS B 232 1.19 -2.28 23.05
C LYS B 232 0.27 -3.38 23.53
N ASN B 233 0.80 -4.27 24.34
CA ASN B 233 0.02 -5.38 24.87
C ASN B 233 -1.16 -4.86 25.68
N PHE B 234 -1.00 -3.73 26.34
CA PHE B 234 -2.02 -3.25 27.27
C PHE B 234 -3.21 -2.73 26.52
N VAL B 236 -3.93 -3.20 23.00
CA VAL B 236 -4.45 -4.23 22.08
C VAL B 236 -5.46 -5.11 22.83
N ASN B 237 -5.16 -5.28 24.11
CA ASN B 237 -5.82 -6.21 24.99
C ASN B 237 -7.04 -5.55 25.60
N ALA B 238 -7.11 -4.24 25.50
CA ALA B 238 -8.19 -3.47 26.11
C ALA B 238 -9.17 -3.02 25.05
N GLY B 239 -9.03 -3.57 23.84
CA GLY B 239 -9.91 -3.23 22.72
C GLY B 239 -9.34 -2.32 21.65
N VAL B 240 -8.21 -1.68 21.92
CA VAL B 240 -7.61 -0.77 20.94
C VAL B 240 -7.06 -1.58 19.75
N PRO B 241 -7.44 -1.21 18.50
CA PRO B 241 -6.89 -1.81 17.28
C PRO B 241 -5.38 -1.63 17.14
N GLU B 242 -4.74 -2.70 16.69
CA GLU B 242 -3.29 -2.83 16.64
C GLU B 242 -2.53 -1.74 15.88
N PRO B 243 -3.05 -1.27 14.73
CA PRO B 243 -2.33 -0.18 14.09
C PRO B 243 -2.37 1.10 14.92
N PHE B 244 -3.47 1.32 15.64
CA PHE B 244 -3.62 2.53 16.43
C PHE B 244 -2.85 2.45 17.76
N ALA B 245 -2.84 1.27 18.39
CA ALA B 245 -1.99 1.04 19.55
C ALA B 245 -0.52 1.23 19.21
N GLU B 246 -0.13 0.82 18.02
CA GLU B 246 1.23 1.07 17.52
C GLU B 246 1.53 2.56 17.38
N ILE B 247 0.53 3.36 17.06
CA ILE B 247 0.78 4.77 16.87
C ILE B 247 0.96 5.42 18.23
N THR B 248 0.00 5.20 19.12
CA THR B 248 0.14 5.68 20.48
C THR B 248 1.48 5.26 21.14
N ALA B 249 1.89 4.01 21.00
CA ALA B 249 3.10 3.57 21.67
C ALA B 249 4.33 4.23 21.10
N ALA B 250 4.32 4.45 19.79
CA ALA B 250 5.44 5.10 19.13
C ALA B 250 5.54 6.56 19.61
N ILE B 251 4.40 7.24 19.70
CA ILE B 251 4.34 8.60 20.20
C ILE B 251 4.91 8.69 21.60
N TYR B 252 4.39 7.83 22.46
CA TYR B 252 4.91 7.63 23.81
C TYR B 252 6.40 7.33 23.80
N ASP B 253 6.85 6.41 22.94
CA ASP B 253 8.28 6.09 22.92
C ASP B 253 9.12 7.32 22.56
N ALA B 254 8.62 8.11 21.61
CA ALA B 254 9.29 9.33 21.19
C ALA B 254 9.44 10.30 22.37
N ILE B 255 8.31 10.60 23.02
CA ILE B 255 8.29 11.47 24.19
C ILE B 255 9.33 11.08 25.26
N SER B 256 9.46 9.77 25.50
CA SER B 256 10.39 9.28 26.53
C SER B 256 11.82 9.56 26.14
N LYS B 257 12.04 9.76 24.85
CA LYS B 257 13.38 10.03 24.37
C LYS B 257 13.69 11.52 24.21
N GLY B 258 12.71 12.37 24.50
CA GLY B 258 12.92 13.81 24.51
C GLY B 258 12.44 14.42 23.22
N GLU B 259 11.75 13.63 22.42
CA GLU B 259 11.13 14.16 21.22
C GLU B 259 10.20 15.38 21.41
N ALA B 260 9.60 15.56 22.58
CA ALA B 260 8.69 16.69 22.72
C ALA B 260 9.13 17.68 23.82
N SER B 261 10.44 17.71 24.05
CA SER B 261 10.99 18.35 25.25
C SER B 261 11.60 19.74 25.03
N LYS B 262 11.67 20.19 23.77
CA LYS B 262 12.25 21.51 23.43
C LYS B 262 11.11 22.50 23.41
N THR B 263 11.36 23.71 23.86
CA THR B 263 10.31 24.72 23.97
C THR B 263 10.64 25.97 23.17
N SER B 264 9.67 26.85 23.01
CA SER B 264 9.88 28.08 22.26
C SER B 264 8.81 29.10 22.63
N ASP B 265 9.05 30.36 22.29
CA ASP B 265 8.05 31.42 22.45
C ASP B 265 7.24 31.73 21.20
N ASP B 266 7.67 31.18 20.05
CA ASP B 266 6.97 31.45 18.80
C ASP B 266 5.42 31.48 18.88
N LEU B 267 4.80 30.43 19.40
CA LEU B 267 3.34 30.39 19.46
C LEU B 267 2.76 31.50 20.33
N GLN B 268 3.27 31.63 21.55
CA GLN B 268 2.82 32.66 22.45
C GLN B 268 2.92 34.04 21.83
N LYS B 269 4.00 34.30 21.11
CA LYS B 269 4.18 35.59 20.44
C LYS B 269 3.16 35.81 19.29
N LEU B 270 2.78 34.73 18.64
CA LEU B 270 1.81 34.80 17.58
C LEU B 270 0.36 34.98 18.11
N ILE B 271 -0.04 34.22 19.12
CA ILE B 271 -1.45 34.17 19.52
C ILE B 271 -1.78 34.69 20.92
N GLY B 272 -0.73 35.01 21.70
CA GLY B 272 -0.89 35.45 23.07
C GLY B 272 -0.79 34.28 24.03
N SER B 273 -1.29 34.51 25.24
CA SER B 273 -1.24 33.54 26.33
C SER B 273 -1.88 32.18 25.99
N LEU B 274 -1.19 31.12 26.38
CA LEU B 274 -1.56 29.75 26.08
C LEU B 274 -2.48 29.18 27.15
N THR B 275 -3.28 28.16 26.79
CA THR B 275 -4.16 27.52 27.75
C THR B 275 -3.38 26.56 28.64
N PRO B 276 -3.52 26.72 29.97
CA PRO B 276 -2.86 25.88 30.97
C PRO B 276 -3.32 24.43 30.88
N LEU B 277 -2.51 23.52 31.40
CA LEU B 277 -2.81 22.10 31.32
C LEU B 277 -4.06 21.78 32.11
N LYS B 278 -4.13 22.30 33.35
CA LYS B 278 -5.29 22.19 34.21
C LYS B 278 -6.60 22.50 33.46
N GLU B 279 -6.62 23.58 32.70
CA GLU B 279 -7.82 24.00 31.97
C GLU B 279 -8.32 23.01 30.91
N THR B 280 -7.40 22.47 30.09
CA THR B 280 -7.77 21.45 29.10
C THR B 280 -8.33 20.16 29.72
N VAL B 281 -7.90 19.87 30.94
CA VAL B 281 -8.36 18.69 31.65
C VAL B 281 -9.80 18.93 32.13
N LYS B 282 -10.04 20.07 32.79
CA LYS B 282 -11.39 20.49 33.15
C LYS B 282 -12.25 20.43 31.90
N GLN B 283 -11.71 20.99 30.82
CA GLN B 283 -12.40 21.04 29.54
C GLN B 283 -12.69 19.67 28.99
N ALA B 284 -11.90 18.68 29.33
CA ALA B 284 -12.10 17.39 28.72
C ALA B 284 -13.16 16.69 29.50
N LEU B 285 -13.59 17.37 30.55
CA LEU B 285 -14.61 16.87 31.47
C LEU B 285 -15.51 18.03 31.90
N PHE C 1 -33.45 2.93 -12.97
CA PHE C 1 -33.25 1.45 -12.94
C PHE C 1 -32.43 0.92 -14.13
N SER C 2 -31.61 -0.12 -13.86
CA SER C 2 -30.59 -0.60 -14.77
C SER C 2 -30.00 -1.97 -14.36
N ILE C 3 -29.76 -2.81 -15.37
CA ILE C 3 -29.11 -4.10 -15.22
C ILE C 3 -27.81 -4.10 -16.03
N ALA C 4 -26.70 -4.43 -15.38
CA ALA C 4 -25.42 -4.44 -16.06
C ALA C 4 -24.91 -5.84 -16.31
N VAL C 5 -24.09 -6.01 -17.34
CA VAL C 5 -23.54 -7.32 -17.66
C VAL C 5 -22.06 -7.20 -17.94
N THR C 6 -21.23 -7.76 -17.08
CA THR C 6 -19.81 -7.86 -17.37
C THR C 6 -19.62 -8.92 -18.42
N GLY C 7 -18.40 -9.04 -18.95
CA GLY C 7 -18.12 -10.01 -20.01
C GLY C 7 -19.00 -9.91 -21.25
N ALA C 8 -19.59 -8.74 -21.49
CA ALA C 8 -20.68 -8.59 -22.48
C ALA C 8 -20.31 -8.75 -23.98
N THR C 9 -19.02 -8.83 -24.29
CA THR C 9 -18.57 -9.11 -25.65
C THR C 9 -18.14 -10.55 -25.82
N GLY C 10 -18.02 -11.29 -24.69
CA GLY C 10 -17.80 -12.73 -24.75
C GLY C 10 -19.09 -13.44 -25.14
N GLN C 11 -19.00 -14.75 -25.39
CA GLN C 11 -20.16 -15.52 -25.87
C GLN C 11 -21.33 -15.56 -24.88
N LEU C 12 -21.07 -15.84 -23.61
CA LEU C 12 -22.18 -15.89 -22.66
C LEU C 12 -22.84 -14.52 -22.49
N GLY C 13 -22.08 -13.55 -21.99
CA GLY C 13 -22.53 -12.16 -21.87
C GLY C 13 -23.36 -11.70 -23.06
N GLY C 14 -22.86 -11.91 -24.27
CA GLY C 14 -23.59 -11.52 -25.48
C GLY C 14 -25.00 -12.11 -25.54
N LEU C 15 -25.12 -13.38 -25.16
CA LEU C 15 -26.39 -14.08 -25.25
C LEU C 15 -27.35 -13.64 -24.13
N VAL C 16 -26.81 -13.36 -22.95
CA VAL C 16 -27.58 -12.82 -21.82
C VAL C 16 -28.30 -11.53 -22.22
N ILE C 17 -27.57 -10.64 -22.88
CA ILE C 17 -28.13 -9.36 -23.29
C ILE C 17 -29.22 -9.56 -24.35
N GLN C 18 -29.01 -10.50 -25.25
CA GLN C 18 -30.06 -10.80 -26.22
C GLN C 18 -31.34 -11.24 -25.47
N HIS C 19 -31.20 -12.11 -24.49
CA HIS C 19 -32.38 -12.58 -23.76
C HIS C 19 -32.98 -11.47 -22.96
N LEU C 20 -32.13 -10.58 -22.50
CA LEU C 20 -32.53 -9.50 -21.62
C LEU C 20 -33.42 -8.53 -22.38
N ALA C 22 -35.49 -9.18 -24.76
CA ALA C 22 -36.81 -9.72 -24.94
C ALA C 22 -37.69 -9.34 -23.75
N ALA C 23 -37.05 -8.94 -22.64
CA ALA C 23 -37.76 -8.68 -21.39
C ALA C 23 -37.81 -7.23 -20.92
N VAL C 24 -36.83 -6.41 -21.33
CA VAL C 24 -36.72 -5.03 -20.81
C VAL C 24 -36.09 -4.14 -21.90
N PRO C 25 -36.40 -2.81 -21.88
CA PRO C 25 -35.91 -1.94 -22.97
C PRO C 25 -34.39 -1.80 -22.92
N ALA C 26 -33.78 -1.65 -24.09
CA ALA C 26 -32.32 -1.62 -24.18
C ALA C 26 -31.66 -0.55 -23.29
N SER C 27 -32.37 0.57 -23.09
CA SER C 27 -31.87 1.68 -22.28
C SER C 27 -31.67 1.28 -20.83
N GLN C 28 -32.24 0.14 -20.47
CA GLN C 28 -32.14 -0.41 -19.12
C GLN C 28 -31.00 -1.40 -19.00
N ILE C 29 -30.24 -1.59 -20.09
CA ILE C 29 -29.15 -2.56 -20.10
C ILE C 29 -27.80 -1.88 -20.29
N ILE C 30 -26.90 -2.08 -19.33
CA ILE C 30 -25.52 -1.59 -19.41
C ILE C 30 -24.58 -2.74 -19.74
N ALA C 31 -23.80 -2.58 -20.80
CA ALA C 31 -22.82 -3.58 -21.18
C ALA C 31 -21.45 -3.11 -20.74
N ILE C 32 -20.77 -3.93 -19.96
CA ILE C 32 -19.45 -3.58 -19.43
C ILE C 32 -18.39 -4.36 -20.17
N VAL C 33 -17.36 -3.68 -20.69
CA VAL C 33 -16.40 -4.30 -21.59
C VAL C 33 -14.98 -3.78 -21.47
N ARG C 34 -14.03 -4.65 -21.81
CA ARG C 34 -12.62 -4.32 -21.86
C ARG C 34 -12.32 -3.37 -23.01
N ASN C 35 -12.90 -3.66 -24.17
CA ASN C 35 -12.74 -2.80 -25.34
C ASN C 35 -14.08 -2.17 -25.73
N VAL C 36 -14.12 -0.84 -25.76
CA VAL C 36 -15.39 -0.11 -25.93
C VAL C 36 -15.79 0.08 -27.41
N GLU C 37 -14.82 0.08 -28.32
CA GLU C 37 -15.09 0.11 -29.75
C GLU C 37 -15.53 -1.26 -30.25
N LYS C 38 -14.90 -2.32 -29.73
CA LYS C 38 -15.22 -3.70 -30.12
C LYS C 38 -16.62 -4.16 -29.66
N ALA C 39 -17.55 -3.22 -29.58
CA ALA C 39 -18.91 -3.48 -29.08
C ALA C 39 -19.90 -2.50 -29.66
N SER C 40 -19.51 -1.85 -30.75
CA SER C 40 -20.34 -0.84 -31.41
C SER C 40 -21.69 -1.43 -31.83
N THR C 41 -21.61 -2.71 -32.21
CA THR C 41 -22.77 -3.50 -32.62
C THR C 41 -23.82 -3.62 -31.50
N LEU C 42 -23.33 -3.61 -30.23
CA LEU C 42 -24.22 -3.55 -29.08
C LEU C 42 -24.77 -2.14 -28.85
N ALA C 43 -23.86 -1.13 -29.06
CA ALA C 43 -24.33 0.26 -28.92
C ALA C 43 -25.44 0.61 -29.93
N ASP C 44 -25.33 0.02 -31.15
CA ASP C 44 -26.39 0.28 -32.20
C ASP C 44 -27.77 -0.13 -31.69
N GLN C 45 -27.87 -1.26 -30.97
CA GLN C 45 -29.17 -1.74 -30.50
C GLN C 45 -29.72 -0.89 -29.35
N GLY C 46 -28.94 0.18 -29.00
CA GLY C 46 -29.40 1.12 -27.96
C GLY C 46 -28.99 0.69 -26.57
N VAL C 47 -28.00 -0.20 -26.50
CA VAL C 47 -27.53 -0.69 -25.22
C VAL C 47 -26.35 0.17 -24.76
N GLU C 48 -26.47 0.70 -23.55
CA GLU C 48 -25.42 1.52 -22.98
C GLU C 48 -24.14 0.69 -22.78
N VAL C 49 -23.06 1.10 -23.43
CA VAL C 49 -21.77 0.43 -23.28
C VAL C 49 -20.92 1.24 -22.32
N ARG C 50 -20.26 0.58 -21.37
CA ARG C 50 -19.28 1.21 -20.47
C ARG C 50 -17.97 0.44 -20.43
N HIS C 51 -16.86 1.12 -20.21
CA HIS C 51 -15.59 0.43 -20.07
C HIS C 51 -15.42 -0.08 -18.66
N GLY C 52 -15.04 -1.35 -18.54
CA GLY C 52 -14.64 -1.94 -17.26
C GLY C 52 -13.63 -3.06 -17.51
N ASP C 53 -12.49 -2.99 -16.81
CA ASP C 53 -11.46 -4.03 -16.85
C ASP C 53 -11.21 -4.50 -15.42
N TYR C 54 -11.29 -5.82 -15.20
CA TYR C 54 -11.15 -6.41 -13.87
C TYR C 54 -9.77 -6.19 -13.25
N ASN C 55 -8.77 -5.83 -14.07
CA ASN C 55 -7.45 -5.46 -13.51
C ASN C 55 -7.40 -4.00 -13.05
N GLN C 56 -8.47 -3.24 -13.29
CA GLN C 56 -8.48 -1.82 -12.92
C GLN C 56 -9.66 -1.41 -12.03
N PRO C 57 -9.46 -1.46 -10.69
CA PRO C 57 -10.46 -1.09 -9.69
C PRO C 57 -11.17 0.24 -9.95
N GLU C 58 -10.45 1.24 -10.45
CA GLU C 58 -11.06 2.55 -10.74
C GLU C 58 -11.99 2.49 -11.95
N SER C 59 -11.62 1.69 -12.95
CA SER C 59 -12.50 1.48 -14.10
C SER C 59 -13.82 0.89 -13.65
N LEU C 60 -13.78 -0.04 -12.70
CA LEU C 60 -14.99 -0.68 -12.20
C LEU C 60 -15.88 0.20 -11.34
N GLN C 61 -15.28 1.07 -10.53
CA GLN C 61 -16.02 2.06 -9.74
C GLN C 61 -16.95 2.84 -10.65
N LYS C 62 -16.41 3.31 -11.77
CA LYS C 62 -17.17 4.09 -12.72
C LYS C 62 -18.15 3.21 -13.50
N ALA C 63 -17.70 2.07 -13.99
CA ALA C 63 -18.58 1.12 -14.68
C ALA C 63 -19.84 0.76 -13.88
N PHE C 64 -19.68 0.49 -12.58
CA PHE C 64 -20.80 0.05 -11.71
C PHE C 64 -21.63 1.19 -11.09
N ALA C 65 -21.20 2.44 -11.21
CA ALA C 65 -21.98 3.52 -10.58
C ALA C 65 -23.42 3.49 -11.09
N GLY C 66 -24.38 3.47 -10.18
CA GLY C 66 -25.80 3.50 -10.55
C GLY C 66 -26.49 2.19 -10.90
N VAL C 67 -25.74 1.09 -11.07
CA VAL C 67 -26.43 -0.17 -11.38
C VAL C 67 -27.27 -0.72 -10.23
N SER C 68 -28.47 -1.19 -10.59
CA SER C 68 -29.35 -1.85 -9.64
C SER C 68 -28.92 -3.31 -9.52
N LYS C 69 -28.92 -4.01 -10.66
CA LYS C 69 -28.61 -5.44 -10.73
C LYS C 69 -27.38 -5.70 -11.58
N LEU C 70 -26.48 -6.51 -11.08
CA LEU C 70 -25.24 -6.80 -11.77
C LEU C 70 -25.11 -8.28 -12.05
N LEU C 71 -24.85 -8.61 -13.30
CA LEU C 71 -24.48 -9.94 -13.64
C LEU C 71 -22.99 -9.96 -13.80
N PHE C 72 -22.35 -10.55 -12.82
CA PHE C 72 -20.91 -10.66 -12.71
C PHE C 72 -20.54 -11.97 -13.39
N ILE C 73 -20.17 -11.86 -14.66
CA ILE C 73 -19.69 -13.04 -15.40
C ILE C 73 -18.23 -13.27 -15.03
N SER C 74 -17.92 -14.53 -14.75
CA SER C 74 -16.60 -14.91 -14.27
C SER C 74 -15.56 -14.63 -15.32
N GLY C 75 -14.33 -14.33 -14.89
CA GLY C 75 -13.26 -13.98 -15.78
C GLY C 75 -12.74 -15.16 -16.57
N PRO C 76 -12.20 -14.88 -17.77
CA PRO C 76 -11.80 -15.95 -18.68
C PRO C 76 -10.34 -16.40 -18.54
N HIS C 77 -9.52 -15.61 -17.88
CA HIS C 77 -8.09 -15.90 -17.73
C HIS C 77 -7.81 -17.33 -17.24
N TYR C 78 -6.63 -17.85 -17.63
CA TYR C 78 -6.17 -19.21 -17.29
C TYR C 78 -5.41 -19.32 -15.95
N ASP C 79 -4.91 -18.19 -15.45
CA ASP C 79 -4.25 -18.10 -14.16
C ASP C 79 -5.29 -17.96 -13.02
N ASN C 80 -5.60 -19.07 -12.35
CA ASN C 80 -6.61 -19.09 -11.29
C ASN C 80 -6.37 -18.10 -10.14
N THR C 81 -5.10 -17.95 -9.75
CA THR C 81 -4.78 -17.11 -8.62
C THR C 81 -4.96 -15.63 -8.97
N LEU C 82 -4.57 -15.26 -10.21
CA LEU C 82 -4.92 -13.96 -10.78
C LEU C 82 -6.42 -13.69 -10.71
N LEU C 83 -7.18 -14.70 -11.13
CA LEU C 83 -8.63 -14.58 -11.24
C LEU C 83 -9.28 -14.22 -9.91
N ILE C 84 -8.68 -14.71 -8.84
CA ILE C 84 -9.12 -14.38 -7.50
C ILE C 84 -8.93 -12.89 -7.18
N VAL C 85 -7.75 -12.35 -7.49
CA VAL C 85 -7.53 -10.92 -7.35
C VAL C 85 -8.59 -10.15 -8.16
N GLN C 86 -8.75 -10.52 -9.42
CA GLN C 86 -9.70 -9.83 -10.28
C GLN C 86 -11.09 -9.89 -9.72
N HIS C 87 -11.51 -11.07 -9.29
CA HIS C 87 -12.87 -11.25 -8.81
C HIS C 87 -13.11 -10.45 -7.56
N ALA C 88 -12.11 -10.42 -6.68
CA ALA C 88 -12.16 -9.63 -5.46
C ALA C 88 -12.22 -8.12 -5.78
N ASN C 89 -11.51 -7.67 -6.81
CA ASN C 89 -11.69 -6.30 -7.26
C ASN C 89 -13.14 -6.01 -7.67
N VAL C 90 -13.72 -6.94 -8.42
CA VAL C 90 -15.08 -6.75 -8.96
C VAL C 90 -16.07 -6.68 -7.80
N VAL C 91 -15.86 -7.56 -6.82
CA VAL C 91 -16.76 -7.66 -5.69
C VAL C 91 -16.68 -6.38 -4.84
N LYS C 92 -15.46 -5.95 -4.54
CA LYS C 92 -15.30 -4.69 -3.82
C LYS C 92 -16.00 -3.52 -4.52
N ALA C 93 -15.82 -3.42 -5.84
CA ALA C 93 -16.39 -2.30 -6.61
C ALA C 93 -17.93 -2.31 -6.62
N ALA C 94 -18.52 -3.51 -6.68
CA ALA C 94 -19.96 -3.63 -6.62
C ALA C 94 -20.47 -3.23 -5.24
N ARG C 95 -19.73 -3.63 -4.21
CA ARG C 95 -20.10 -3.24 -2.88
C ARG C 95 -20.06 -1.72 -2.78
N ASP C 96 -18.98 -1.12 -3.28
CA ASP C 96 -18.77 0.32 -3.17
C ASP C 96 -19.85 1.12 -3.91
N ALA C 97 -20.23 0.63 -5.08
CA ALA C 97 -21.16 1.33 -5.94
C ALA C 97 -22.61 1.16 -5.49
N GLY C 98 -22.85 0.32 -4.49
CA GLY C 98 -24.21 0.19 -3.95
C GLY C 98 -25.15 -0.64 -4.79
N VAL C 99 -24.59 -1.57 -5.56
CA VAL C 99 -25.36 -2.55 -6.32
C VAL C 99 -26.37 -3.22 -5.41
N LYS C 100 -27.61 -3.37 -5.88
CA LYS C 100 -28.73 -3.81 -5.03
C LYS C 100 -28.91 -5.30 -5.11
N HIS C 101 -28.43 -5.88 -6.21
CA HIS C 101 -28.48 -7.31 -6.40
C HIS C 101 -27.35 -7.79 -7.30
N ILE C 102 -26.70 -8.87 -6.91
CA ILE C 102 -25.51 -9.33 -7.63
C ILE C 102 -25.71 -10.78 -7.99
N ALA C 103 -25.59 -11.12 -9.26
CA ALA C 103 -25.61 -12.52 -9.70
C ALA C 103 -24.25 -12.90 -10.24
N TYR C 104 -23.80 -14.12 -9.95
CA TYR C 104 -22.46 -14.53 -10.31
C TYR C 104 -22.46 -15.86 -11.02
N THR C 105 -21.71 -15.96 -12.11
CA THR C 105 -21.62 -17.25 -12.78
C THR C 105 -20.52 -18.08 -12.18
N GLY C 106 -20.91 -18.99 -11.30
CA GLY C 106 -19.99 -19.94 -10.73
C GLY C 106 -20.00 -21.30 -11.41
N TYR C 107 -19.90 -22.36 -10.60
CA TYR C 107 -19.65 -23.68 -11.11
C TYR C 107 -20.47 -24.69 -10.34
N ALA C 108 -21.23 -25.50 -11.09
CA ALA C 108 -22.14 -26.49 -10.51
C ALA C 108 -21.44 -27.48 -9.59
N PHE C 109 -22.00 -27.70 -8.41
CA PHE C 109 -21.51 -28.73 -7.49
C PHE C 109 -20.04 -28.55 -7.18
N ALA C 110 -19.63 -27.30 -7.01
CA ALA C 110 -18.22 -26.93 -6.86
C ALA C 110 -17.52 -27.59 -5.67
N GLU C 111 -18.24 -27.83 -4.58
CA GLU C 111 -17.62 -28.40 -3.38
C GLU C 111 -17.09 -29.81 -3.60
N GLU C 112 -17.70 -30.55 -4.52
CA GLU C 112 -17.29 -31.91 -4.83
C GLU C 112 -16.36 -31.99 -6.03
N SER C 113 -15.95 -30.86 -6.56
CA SER C 113 -15.22 -30.81 -7.82
C SER C 113 -13.75 -31.17 -7.66
N ILE C 114 -13.16 -31.76 -8.72
CA ILE C 114 -11.71 -32.08 -8.76
C ILE C 114 -10.93 -31.23 -9.77
N ILE C 115 -11.48 -30.04 -10.04
CA ILE C 115 -10.97 -29.12 -11.04
C ILE C 115 -10.56 -27.85 -10.29
N PRO C 116 -9.32 -27.37 -10.49
CA PRO C 116 -8.84 -26.21 -9.73
C PRO C 116 -9.77 -24.99 -9.79
N LEU C 117 -10.34 -24.74 -10.97
CA LEU C 117 -11.13 -23.53 -11.23
C LEU C 117 -12.25 -23.40 -10.22
N ALA C 118 -12.72 -24.55 -9.72
CA ALA C 118 -13.77 -24.61 -8.71
C ALA C 118 -13.42 -23.84 -7.45
N HIS C 119 -12.13 -23.79 -7.08
CA HIS C 119 -11.70 -23.06 -5.88
C HIS C 119 -11.86 -21.58 -6.08
N VAL C 120 -11.60 -21.14 -7.31
CA VAL C 120 -11.86 -19.76 -7.73
C VAL C 120 -13.33 -19.40 -7.52
N HIS C 121 -14.22 -20.28 -7.96
CA HIS C 121 -15.63 -19.94 -7.91
C HIS C 121 -16.11 -19.88 -6.48
N LEU C 122 -15.61 -20.81 -5.66
CA LEU C 122 -15.94 -20.85 -4.26
C LEU C 122 -15.41 -19.62 -3.49
N ALA C 123 -14.16 -19.24 -3.74
CA ALA C 123 -13.61 -18.01 -3.15
C ALA C 123 -14.48 -16.82 -3.53
N THR C 124 -14.92 -16.76 -4.79
CA THR C 124 -15.69 -15.60 -5.24
C THR C 124 -17.06 -15.54 -4.58
N GLU C 125 -17.70 -16.69 -4.46
CA GLU C 125 -18.94 -16.80 -3.72
C GLU C 125 -18.81 -16.29 -2.28
N TYR C 126 -17.75 -16.71 -1.59
CA TYR C 126 -17.53 -16.22 -0.24
C TYR C 126 -17.29 -14.71 -0.21
N ALA C 127 -16.52 -14.19 -1.17
CA ALA C 127 -16.31 -12.75 -1.25
C ALA C 127 -17.63 -12.02 -1.45
N ILE C 128 -18.52 -12.58 -2.26
CA ILE C 128 -19.81 -11.95 -2.49
C ILE C 128 -20.65 -11.98 -1.21
N ARG C 129 -20.62 -13.11 -0.50
CA ARG C 129 -21.39 -13.26 0.74
C ARG C 129 -21.00 -12.17 1.72
N THR C 130 -19.73 -11.82 1.68
CA THR C 130 -19.13 -10.84 2.54
C THR C 130 -19.80 -9.47 2.47
N THR C 131 -20.18 -9.05 1.26
CA THR C 131 -20.75 -7.72 1.02
C THR C 131 -22.19 -7.55 1.55
N ASN C 132 -22.86 -8.65 1.85
CA ASN C 132 -24.29 -8.66 2.29
C ASN C 132 -25.28 -8.17 1.25
N ILE C 133 -24.81 -8.01 0.03
CA ILE C 133 -25.68 -7.68 -1.10
C ILE C 133 -26.45 -8.94 -1.50
N PRO C 134 -27.78 -8.84 -1.70
CA PRO C 134 -28.54 -9.99 -2.18
C PRO C 134 -27.91 -10.58 -3.45
N TYR C 135 -27.84 -11.91 -3.51
CA TYR C 135 -27.01 -12.57 -4.49
C TYR C 135 -27.79 -13.72 -5.11
N THR C 136 -27.39 -14.12 -6.31
CA THR C 136 -27.86 -15.35 -6.92
C THR C 136 -26.64 -16.05 -7.48
N PHE C 137 -26.33 -17.22 -6.93
CA PHE C 137 -25.23 -18.00 -7.46
C PHE C 137 -25.71 -18.90 -8.57
N LEU C 138 -25.39 -18.49 -9.78
CA LEU C 138 -25.75 -19.22 -10.97
C LEU C 138 -24.63 -20.20 -11.25
N ARG C 139 -24.71 -21.39 -10.67
CA ARG C 139 -23.60 -22.34 -10.80
C ARG C 139 -23.71 -23.12 -12.10
N ASN C 140 -23.02 -22.65 -13.12
CA ASN C 140 -23.17 -23.16 -14.48
C ASN C 140 -22.46 -24.48 -14.69
N ALA C 141 -23.13 -25.37 -15.42
CA ALA C 141 -22.51 -26.57 -15.97
C ALA C 141 -21.45 -26.20 -16.98
N LEU C 142 -20.67 -27.20 -17.36
CA LEU C 142 -19.76 -27.06 -18.50
C LEU C 142 -20.59 -26.80 -19.74
N TYR C 143 -19.99 -26.10 -20.70
CA TYR C 143 -20.67 -25.72 -21.92
C TYR C 143 -20.75 -26.93 -22.83
N THR C 144 -21.93 -27.15 -23.40
CA THR C 144 -22.11 -28.21 -24.40
C THR C 144 -21.34 -27.90 -25.69
N ASP C 145 -21.31 -26.61 -26.03
CA ASP C 145 -20.61 -26.03 -27.18
C ASP C 145 -19.13 -26.41 -27.22
N PHE C 146 -18.56 -26.61 -26.04
CA PHE C 146 -17.18 -27.06 -25.90
C PHE C 146 -16.93 -28.41 -26.57
N PHE C 147 -17.86 -29.34 -26.44
CA PHE C 147 -17.69 -30.70 -26.99
C PHE C 147 -18.36 -30.83 -28.35
N VAL C 148 -19.44 -30.07 -28.53
CA VAL C 148 -20.25 -30.13 -29.74
C VAL C 148 -20.08 -28.85 -30.54
N ASN C 149 -19.16 -28.87 -31.49
CA ASN C 149 -18.81 -27.67 -32.24
C ASN C 149 -18.41 -27.93 -33.68
N GLU C 150 -17.60 -27.02 -34.22
CA GLU C 150 -17.00 -27.12 -35.55
C GLU C 150 -16.17 -28.40 -35.71
N GLY C 151 -15.51 -28.82 -34.62
CA GLY C 151 -14.57 -29.94 -34.64
C GLY C 151 -15.16 -31.33 -34.85
N LEU C 152 -16.49 -31.43 -34.81
CA LEU C 152 -17.16 -32.70 -35.05
C LEU C 152 -17.24 -33.01 -36.54
N ARG C 153 -17.22 -31.95 -37.36
CA ARG C 153 -17.08 -32.07 -38.80
C ARG C 153 -15.79 -32.83 -39.11
N ALA C 154 -14.73 -32.42 -38.39
CA ALA C 154 -13.39 -32.99 -38.54
C ALA C 154 -13.28 -34.42 -37.97
N SER C 155 -14.20 -34.79 -37.08
CA SER C 155 -14.27 -36.17 -36.60
C SER C 155 -15.04 -37.04 -37.58
N THR C 156 -16.12 -36.48 -38.14
CA THR C 156 -17.05 -37.19 -39.03
C THR C 156 -16.37 -38.05 -40.09
N GLU C 157 -15.87 -37.42 -41.16
CA GLU C 157 -15.27 -38.17 -42.29
C GLU C 157 -13.99 -38.91 -41.87
N SER C 158 -13.43 -38.49 -40.74
CA SER C 158 -12.33 -39.22 -40.10
C SER C 158 -12.86 -40.51 -39.49
N GLY C 159 -14.02 -40.41 -38.84
CA GLY C 159 -14.73 -41.59 -38.32
C GLY C 159 -14.73 -41.82 -36.82
N ALA C 160 -14.18 -40.89 -36.05
CA ALA C 160 -14.00 -41.08 -34.60
C ALA C 160 -13.85 -39.80 -33.78
N ILE C 161 -14.67 -39.66 -32.74
CA ILE C 161 -14.38 -38.68 -31.68
C ILE C 161 -13.34 -39.32 -30.76
N VAL C 162 -12.26 -38.59 -30.53
CA VAL C 162 -11.15 -39.10 -29.71
C VAL C 162 -11.02 -38.26 -28.46
N THR C 163 -11.32 -38.88 -27.32
CA THR C 163 -11.25 -38.20 -26.03
C THR C 163 -10.63 -39.10 -24.98
N ASN C 164 -10.19 -38.51 -23.87
CA ASN C 164 -9.73 -39.26 -22.71
C ASN C 164 -10.78 -39.20 -21.59
N ALA C 165 -12.03 -39.02 -22.01
CA ALA C 165 -13.17 -38.87 -21.09
C ALA C 165 -13.71 -40.20 -20.61
N GLY C 166 -13.06 -41.28 -21.06
CA GLY C 166 -13.42 -42.65 -20.70
C GLY C 166 -14.89 -42.93 -20.92
N SER C 167 -15.53 -43.48 -19.90
CA SER C 167 -16.95 -43.77 -20.00
C SER C 167 -17.80 -42.81 -19.13
N GLY C 168 -17.19 -41.69 -18.73
CA GLY C 168 -17.84 -40.74 -17.83
C GLY C 168 -19.05 -40.07 -18.42
N ILE C 169 -19.91 -39.59 -17.54
CA ILE C 169 -21.18 -38.98 -17.90
C ILE C 169 -21.04 -37.44 -17.96
N VAL C 170 -21.81 -36.78 -18.83
CA VAL C 170 -21.68 -35.35 -19.07
C VAL C 170 -23.02 -34.64 -18.88
N ASN C 171 -23.07 -33.62 -18.03
CA ASN C 171 -24.33 -32.90 -17.76
C ASN C 171 -24.36 -31.47 -18.31
N SER C 172 -23.57 -31.27 -19.36
CA SER C 172 -23.40 -29.97 -19.99
C SER C 172 -24.72 -29.37 -20.46
N VAL C 173 -24.79 -28.04 -20.45
CA VAL C 173 -25.88 -27.34 -21.13
C VAL C 173 -25.26 -26.29 -22.04
N THR C 174 -26.04 -25.82 -23.01
CA THR C 174 -25.59 -24.81 -23.95
C THR C 174 -25.46 -23.47 -23.26
N ARG C 175 -24.55 -22.64 -23.78
CA ARG C 175 -24.40 -21.26 -23.35
C ARG C 175 -25.75 -20.52 -23.42
N ASN C 176 -26.49 -20.76 -24.49
CA ASN C 176 -27.77 -20.10 -24.68
C ASN C 176 -28.71 -20.30 -23.50
N GLU C 177 -28.88 -21.55 -23.08
CA GLU C 177 -29.76 -21.88 -21.98
C GLU C 177 -29.31 -21.25 -20.67
N LEU C 178 -28.00 -21.32 -20.40
CA LEU C 178 -27.45 -20.74 -19.16
C LEU C 178 -27.64 -19.23 -19.16
N ALA C 179 -27.52 -18.64 -20.34
CA ALA C 179 -27.77 -17.23 -20.55
C ALA C 179 -29.24 -16.91 -20.26
N LEU C 180 -30.13 -17.82 -20.64
CA LEU C 180 -31.54 -17.60 -20.40
C LEU C 180 -31.77 -17.63 -18.90
N ALA C 181 -31.20 -18.63 -18.24
CA ALA C 181 -31.32 -18.73 -16.80
C ALA C 181 -30.86 -17.42 -16.14
N ALA C 182 -29.65 -16.99 -16.50
CA ALA C 182 -29.11 -15.73 -16.01
C ALA C 182 -30.10 -14.56 -16.21
N ALA C 183 -30.54 -14.38 -17.46
CA ALA C 183 -31.46 -13.32 -17.80
C ALA C 183 -32.80 -13.46 -17.08
N THR C 184 -33.22 -14.69 -16.84
CA THR C 184 -34.52 -14.93 -16.22
C THR C 184 -34.46 -14.46 -14.77
N VAL C 185 -33.35 -14.75 -14.10
CA VAL C 185 -33.14 -14.43 -12.71
C VAL C 185 -33.08 -12.92 -12.50
N LEU C 186 -32.40 -12.22 -13.40
CA LEU C 186 -32.25 -10.75 -13.29
C LEU C 186 -33.58 -10.05 -13.48
N THR C 187 -34.55 -10.83 -13.97
CA THR C 187 -35.71 -10.28 -14.64
C THR C 187 -37.05 -10.58 -13.97
N GLU C 188 -37.05 -11.47 -12.98
CA GLU C 188 -38.25 -11.69 -12.17
C GLU C 188 -37.90 -11.76 -10.70
N GLU C 189 -38.92 -11.75 -9.86
CA GLU C 189 -38.74 -11.77 -8.42
C GLU C 189 -38.42 -13.17 -7.89
N GLY C 190 -37.96 -13.23 -6.65
CA GLY C 190 -37.85 -14.50 -5.94
C GLY C 190 -36.53 -15.25 -6.08
N HIS C 191 -35.50 -14.61 -6.61
CA HIS C 191 -34.23 -15.32 -6.79
C HIS C 191 -33.08 -14.84 -5.89
N GLU C 192 -33.45 -14.04 -4.89
CA GLU C 192 -32.50 -13.42 -3.99
C GLU C 192 -31.96 -14.44 -3.01
N ASN C 193 -30.64 -14.39 -2.78
CA ASN C 193 -29.95 -15.32 -1.87
C ASN C 193 -30.19 -16.79 -2.20
N LYS C 194 -30.09 -17.11 -3.47
CA LYS C 194 -30.33 -18.46 -3.93
C LYS C 194 -29.11 -19.01 -4.62
N THR C 195 -28.91 -20.31 -4.47
CA THR C 195 -27.84 -20.97 -5.18
C THR C 195 -28.50 -21.99 -6.09
N TYR C 196 -28.22 -21.87 -7.38
CA TYR C 196 -28.77 -22.80 -8.36
C TYR C 196 -27.63 -23.57 -8.99
N ASN C 197 -27.75 -24.91 -9.01
CA ASN C 197 -26.81 -25.73 -9.76
C ASN C 197 -27.44 -26.00 -11.11
N LEU C 198 -26.91 -25.33 -12.12
CA LEU C 198 -27.51 -25.29 -13.45
C LEU C 198 -26.86 -26.29 -14.39
N VAL C 199 -27.39 -27.51 -14.36
CA VAL C 199 -26.96 -28.57 -15.25
C VAL C 199 -28.16 -29.25 -15.89
N SER C 200 -27.84 -30.25 -16.71
CA SER C 200 -28.84 -30.97 -17.44
C SER C 200 -29.35 -32.18 -16.64
N ASN C 201 -30.65 -32.43 -16.68
CA ASN C 201 -31.21 -33.65 -16.14
C ASN C 201 -31.42 -34.70 -17.22
N GLN C 202 -30.67 -34.56 -18.32
CA GLN C 202 -30.58 -35.59 -19.36
C GLN C 202 -29.13 -35.78 -19.78
N PRO C 203 -28.33 -36.43 -18.94
CA PRO C 203 -26.94 -36.45 -19.35
C PRO C 203 -26.70 -37.44 -20.49
N TRP C 204 -25.46 -37.51 -20.97
CA TRP C 204 -25.13 -38.30 -22.13
C TRP C 204 -23.69 -38.77 -22.00
N THR C 205 -23.27 -39.67 -22.86
CA THR C 205 -21.89 -40.15 -22.83
C THR C 205 -21.22 -39.84 -24.15
N PHE C 206 -19.90 -39.95 -24.20
CA PHE C 206 -19.20 -39.75 -25.46
C PHE C 206 -19.49 -40.83 -26.49
N ASP C 207 -19.80 -42.05 -26.02
CA ASP C 207 -20.27 -43.12 -26.91
C ASP C 207 -21.59 -42.75 -27.56
N GLU C 208 -22.46 -42.12 -26.77
CA GLU C 208 -23.76 -41.67 -27.24
C GLU C 208 -23.62 -40.55 -28.25
N LEU C 209 -22.66 -39.65 -28.02
CA LEU C 209 -22.38 -38.57 -28.96
C LEU C 209 -22.04 -39.16 -30.33
N ALA C 210 -21.13 -40.13 -30.35
CA ALA C 210 -20.80 -40.85 -31.58
C ALA C 210 -22.06 -41.36 -32.29
N GLN C 211 -22.92 -42.08 -31.56
CA GLN C 211 -24.15 -42.61 -32.14
C GLN C 211 -25.01 -41.54 -32.80
N ILE C 212 -25.17 -40.40 -32.11
CA ILE C 212 -25.95 -39.28 -32.62
C ILE C 212 -25.28 -38.66 -33.85
N LEU C 213 -23.94 -38.70 -33.89
CA LEU C 213 -23.20 -38.23 -35.05
C LEU C 213 -23.52 -39.09 -36.28
N SER C 214 -23.38 -40.41 -36.14
CA SER C 214 -23.74 -41.36 -37.20
C SER C 214 -25.19 -41.16 -37.64
N GLU C 215 -26.09 -41.10 -36.65
CA GLU C 215 -27.53 -40.92 -36.86
C GLU C 215 -27.84 -39.74 -37.78
N VAL C 216 -27.14 -38.62 -37.59
CA VAL C 216 -27.37 -37.40 -38.37
C VAL C 216 -26.54 -37.38 -39.65
N SER C 217 -25.28 -37.79 -39.56
CA SER C 217 -24.31 -37.59 -40.63
C SER C 217 -24.21 -38.76 -41.61
N GLY C 218 -23.03 -38.92 -42.20
CA GLY C 218 -22.79 -39.95 -43.18
C GLY C 218 -22.70 -41.31 -42.55
N LYS C 219 -21.50 -41.64 -42.04
CA LYS C 219 -21.20 -43.01 -41.70
C LYS C 219 -20.84 -43.21 -40.23
N LYS C 220 -20.75 -44.50 -39.87
CA LYS C 220 -20.00 -44.97 -38.69
C LYS C 220 -18.96 -44.01 -38.09
N VAL C 221 -19.34 -43.39 -36.97
CA VAL C 221 -18.42 -42.67 -36.09
C VAL C 221 -18.43 -43.39 -34.74
N VAL C 222 -17.24 -43.67 -34.21
CA VAL C 222 -17.10 -44.33 -32.90
C VAL C 222 -16.46 -43.41 -31.85
N HIS C 223 -16.63 -43.76 -30.58
CA HIS C 223 -15.86 -43.14 -29.52
C HIS C 223 -14.56 -43.93 -29.38
N GLN C 224 -13.51 -43.26 -28.98
CA GLN C 224 -12.18 -43.86 -28.93
C GLN C 224 -11.45 -43.36 -27.68
N PRO C 225 -11.78 -43.92 -26.49
CA PRO C 225 -11.14 -43.45 -25.26
C PRO C 225 -9.63 -43.68 -25.25
N VAL C 226 -8.86 -42.62 -24.97
CA VAL C 226 -7.39 -42.67 -24.93
C VAL C 226 -6.83 -42.20 -23.58
N SER C 227 -5.49 -42.22 -23.45
CA SER C 227 -4.80 -42.13 -22.16
C SER C 227 -4.89 -40.81 -21.38
N PHE C 228 -4.80 -39.68 -22.08
CA PHE C 228 -4.58 -38.37 -21.49
C PHE C 228 -3.18 -37.77 -21.57
N GLU C 229 -2.29 -38.50 -22.23
CA GLU C 229 -1.01 -38.00 -22.71
C GLU C 229 -1.12 -38.45 -24.14
N GLU C 230 -1.80 -39.58 -24.33
CA GLU C 230 -2.13 -40.08 -25.65
C GLU C 230 -3.14 -39.17 -26.33
N GLU C 231 -3.93 -38.46 -25.52
CA GLU C 231 -4.89 -37.48 -26.04
C GLU C 231 -4.19 -36.20 -26.52
N LYS C 232 -3.22 -35.73 -25.75
CA LYS C 232 -2.41 -34.57 -26.15
C LYS C 232 -1.89 -34.73 -27.58
N ASN C 233 -1.51 -35.97 -27.94
CA ASN C 233 -1.08 -36.33 -29.30
C ASN C 233 -2.12 -36.01 -30.39
N PHE C 234 -3.30 -36.62 -30.31
CA PHE C 234 -4.37 -36.38 -31.29
C PHE C 234 -4.89 -34.93 -31.16
N VAL C 236 -2.09 -31.89 -29.92
CA VAL C 236 -0.85 -31.11 -30.06
C VAL C 236 -0.07 -31.49 -31.33
N ASN C 237 -0.20 -32.75 -31.73
CA ASN C 237 0.38 -33.26 -32.98
C ASN C 237 -0.61 -33.10 -34.15
N ALA C 238 -1.47 -32.09 -34.04
CA ALA C 238 -2.47 -31.77 -35.07
C ALA C 238 -2.73 -30.26 -35.14
N GLY C 239 -1.98 -29.48 -34.34
CA GLY C 239 -1.99 -28.03 -34.43
C GLY C 239 -2.84 -27.33 -33.39
N VAL C 240 -2.50 -27.54 -32.12
CA VAL C 240 -3.26 -26.97 -31.01
C VAL C 240 -2.30 -26.57 -29.88
N PRO C 241 -2.42 -25.31 -29.39
CA PRO C 241 -1.73 -24.75 -28.20
C PRO C 241 -1.61 -25.69 -26.98
N GLU C 242 -0.39 -25.82 -26.45
CA GLU C 242 -0.05 -26.74 -25.35
C GLU C 242 -0.62 -26.42 -23.94
N PRO C 243 -0.86 -25.12 -23.63
CA PRO C 243 -1.71 -24.92 -22.43
C PRO C 243 -3.16 -25.29 -22.69
N PHE C 244 -3.70 -24.90 -23.86
CA PHE C 244 -5.12 -25.18 -24.21
C PHE C 244 -5.45 -26.68 -24.31
N ALA C 245 -4.57 -27.43 -24.99
CA ALA C 245 -4.72 -28.89 -25.12
C ALA C 245 -4.68 -29.57 -23.75
N GLU C 246 -3.89 -29.01 -22.83
CA GLU C 246 -3.87 -29.46 -21.43
C GLU C 246 -5.20 -29.23 -20.73
N ILE C 247 -5.72 -28.01 -20.88
CA ILE C 247 -7.00 -27.61 -20.30
C ILE C 247 -8.10 -28.63 -20.65
N THR C 248 -8.18 -28.98 -21.94
CA THR C 248 -9.16 -29.93 -22.45
C THR C 248 -8.93 -31.32 -21.88
N ALA C 249 -7.68 -31.79 -21.95
CA ALA C 249 -7.34 -33.13 -21.46
C ALA C 249 -7.64 -33.30 -19.96
N ALA C 250 -7.46 -32.24 -19.19
CA ALA C 250 -7.80 -32.26 -17.77
C ALA C 250 -9.32 -32.13 -17.49
N ILE C 251 -10.09 -31.68 -18.50
CA ILE C 251 -11.55 -31.69 -18.41
C ILE C 251 -12.07 -33.13 -18.63
N TYR C 252 -11.75 -33.71 -19.80
CA TYR C 252 -12.04 -35.11 -20.10
C TYR C 252 -11.67 -36.05 -18.95
N ASP C 253 -10.49 -35.84 -18.39
CA ASP C 253 -10.02 -36.66 -17.27
C ASP C 253 -10.93 -36.54 -16.05
N ALA C 254 -11.34 -35.32 -15.74
CA ALA C 254 -12.33 -35.08 -14.70
C ALA C 254 -13.65 -35.79 -15.06
N ILE C 255 -14.07 -35.63 -16.31
CA ILE C 255 -15.27 -36.29 -16.82
C ILE C 255 -15.19 -37.81 -16.67
N SER C 256 -14.03 -38.39 -17.01
CA SER C 256 -13.83 -39.84 -16.87
C SER C 256 -13.92 -40.26 -15.40
N LYS C 257 -13.77 -39.30 -14.49
CA LYS C 257 -13.84 -39.57 -13.05
C LYS C 257 -15.15 -39.11 -12.41
N GLY C 258 -16.11 -38.65 -13.22
CA GLY C 258 -17.45 -38.37 -12.72
C GLY C 258 -17.70 -36.92 -12.36
N GLU C 259 -16.75 -36.05 -12.70
CA GLU C 259 -16.93 -34.62 -12.52
C GLU C 259 -18.35 -34.17 -12.96
N ALA C 260 -18.73 -34.49 -14.18
CA ALA C 260 -19.99 -34.02 -14.75
C ALA C 260 -21.18 -35.03 -14.67
N SER C 261 -21.10 -35.93 -13.70
CA SER C 261 -22.05 -37.04 -13.59
C SER C 261 -23.28 -36.78 -12.72
N LYS C 262 -23.26 -35.72 -11.93
CA LYS C 262 -24.39 -35.43 -11.05
C LYS C 262 -25.38 -34.43 -11.69
N THR C 263 -26.65 -34.51 -11.34
CA THR C 263 -27.61 -33.61 -11.95
C THR C 263 -28.53 -32.92 -10.97
N SER C 264 -29.31 -31.98 -11.50
CA SER C 264 -30.21 -31.17 -10.73
C SER C 264 -31.37 -30.76 -11.65
N ASP C 265 -32.49 -30.41 -11.04
CA ASP C 265 -33.68 -29.95 -11.78
C ASP C 265 -33.74 -28.41 -11.81
N ASP C 266 -32.79 -27.78 -11.10
CA ASP C 266 -32.78 -26.30 -10.97
C ASP C 266 -33.01 -25.58 -12.29
N LEU C 267 -32.27 -25.98 -13.33
CA LEU C 267 -32.31 -25.26 -14.59
C LEU C 267 -33.68 -25.42 -15.27
N GLN C 268 -34.17 -26.65 -15.29
CA GLN C 268 -35.40 -26.96 -15.96
C GLN C 268 -36.59 -26.29 -15.28
N LYS C 269 -36.58 -26.24 -13.95
CA LYS C 269 -37.59 -25.49 -13.21
C LYS C 269 -37.54 -23.98 -13.51
N LEU C 270 -36.37 -23.49 -13.87
CA LEU C 270 -36.14 -22.07 -14.18
C LEU C 270 -36.47 -21.66 -15.62
N ILE C 271 -36.06 -22.47 -16.59
CA ILE C 271 -36.24 -22.12 -18.01
C ILE C 271 -37.17 -23.05 -18.82
N GLY C 272 -37.58 -24.17 -18.25
CA GLY C 272 -38.40 -25.16 -18.96
C GLY C 272 -37.57 -26.15 -19.76
N SER C 273 -38.21 -26.75 -20.76
CA SER C 273 -37.63 -27.72 -21.68
C SER C 273 -36.18 -27.44 -22.06
N LEU C 274 -35.34 -28.45 -21.95
CA LEU C 274 -33.97 -28.32 -22.41
C LEU C 274 -33.80 -28.75 -23.87
N THR C 275 -32.79 -28.20 -24.53
CA THR C 275 -32.47 -28.53 -25.90
C THR C 275 -31.86 -29.93 -25.98
N PRO C 276 -32.52 -30.85 -26.71
CA PRO C 276 -32.01 -32.22 -26.93
C PRO C 276 -30.62 -32.18 -27.55
N LEU C 277 -29.75 -33.10 -27.14
CA LEU C 277 -28.39 -33.16 -27.66
C LEU C 277 -28.32 -33.20 -29.20
N LYS C 278 -29.18 -34.02 -29.82
CA LYS C 278 -29.25 -34.18 -31.27
C LYS C 278 -29.46 -32.84 -32.00
N GLU C 279 -30.34 -32.01 -31.44
CA GLU C 279 -30.56 -30.65 -31.92
C GLU C 279 -29.28 -29.85 -32.03
N THR C 280 -28.48 -29.87 -30.97
CA THR C 280 -27.25 -29.11 -30.88
C THR C 280 -26.18 -29.66 -31.82
N VAL C 281 -26.24 -30.96 -32.10
CA VAL C 281 -25.27 -31.57 -33.00
C VAL C 281 -25.55 -31.14 -34.43
N LYS C 282 -26.83 -31.16 -34.82
CA LYS C 282 -27.26 -30.59 -36.10
C LYS C 282 -26.82 -29.13 -36.21
N GLN C 283 -27.16 -28.34 -35.19
CA GLN C 283 -26.94 -26.90 -35.20
C GLN C 283 -25.48 -26.51 -35.35
N ALA C 284 -24.59 -27.34 -34.82
CA ALA C 284 -23.15 -27.08 -34.92
C ALA C 284 -22.56 -27.67 -36.20
N LEU C 285 -23.42 -27.92 -37.18
CA LEU C 285 -23.05 -28.52 -38.47
C LEU C 285 -23.89 -27.97 -39.62
N PHE D 1 17.62 -21.64 3.25
CA PHE D 1 16.30 -21.82 3.93
C PHE D 1 15.85 -20.48 4.54
N SER D 2 14.57 -20.39 4.92
CA SER D 2 13.90 -19.10 5.17
C SER D 2 12.44 -19.20 5.67
N ILE D 3 12.14 -18.64 6.84
CA ILE D 3 10.75 -18.56 7.29
C ILE D 3 10.33 -17.13 7.52
N ALA D 4 9.22 -16.72 6.92
CA ALA D 4 8.80 -15.33 6.96
C ALA D 4 7.53 -15.16 7.76
N VAL D 5 7.43 -14.06 8.49
CA VAL D 5 6.27 -13.80 9.34
C VAL D 5 5.71 -12.40 9.04
N THR D 6 4.51 -12.32 8.48
CA THR D 6 3.86 -11.02 8.30
C THR D 6 3.25 -10.58 9.65
N GLY D 7 2.80 -9.33 9.79
CA GLY D 7 2.22 -8.86 11.07
C GLY D 7 3.20 -9.00 12.23
N ALA D 8 4.48 -8.87 11.89
CA ALA D 8 5.55 -9.24 12.80
C ALA D 8 5.64 -8.35 14.02
N THR D 9 5.23 -7.08 13.93
CA THR D 9 5.21 -6.24 15.12
C THR D 9 3.82 -6.24 15.72
N GLY D 10 2.96 -7.07 15.18
CA GLY D 10 1.70 -7.32 15.82
C GLY D 10 1.92 -8.27 16.99
N GLN D 11 0.89 -8.39 17.82
CA GLN D 11 0.94 -9.18 19.02
C GLN D 11 1.13 -10.69 18.73
N LEU D 12 0.34 -11.27 17.83
CA LEU D 12 0.57 -12.70 17.48
C LEU D 12 1.91 -12.88 16.76
N GLY D 13 2.13 -12.06 15.73
CA GLY D 13 3.37 -12.11 14.96
C GLY D 13 4.65 -12.08 15.79
N GLY D 14 4.75 -11.09 16.68
CA GLY D 14 5.92 -10.95 17.55
C GLY D 14 6.23 -12.21 18.33
N LEU D 15 5.20 -12.80 18.92
CA LEU D 15 5.31 -14.02 19.69
C LEU D 15 5.78 -15.21 18.83
N VAL D 16 5.37 -15.24 17.55
CA VAL D 16 5.75 -16.38 16.70
C VAL D 16 7.25 -16.34 16.50
N ILE D 17 7.79 -15.15 16.23
CA ILE D 17 9.23 -14.97 16.04
C ILE D 17 10.01 -15.30 17.29
N GLN D 18 9.53 -14.84 18.45
CA GLN D 18 10.15 -15.20 19.74
C GLN D 18 10.21 -16.71 19.91
N HIS D 19 9.08 -17.37 19.63
CA HIS D 19 9.03 -18.85 19.69
C HIS D 19 9.89 -19.44 18.59
N LEU D 20 9.98 -18.75 17.46
CA LEU D 20 10.72 -19.29 16.33
C LEU D 20 12.21 -19.31 16.61
N ALA D 22 13.64 -19.95 19.24
CA ALA D 22 14.00 -21.04 20.13
C ALA D 22 14.39 -22.26 19.29
N ALA D 23 13.86 -22.35 18.08
CA ALA D 23 14.04 -23.52 17.24
C ALA D 23 15.00 -23.27 16.09
N VAL D 24 15.09 -22.02 15.64
CA VAL D 24 15.95 -21.68 14.49
C VAL D 24 16.79 -20.39 14.70
N PRO D 25 18.00 -20.32 14.11
CA PRO D 25 18.81 -19.08 14.15
C PRO D 25 18.08 -17.89 13.52
N ALA D 26 18.22 -16.73 14.14
CA ALA D 26 17.53 -15.51 13.72
C ALA D 26 17.79 -15.14 12.25
N SER D 27 18.95 -15.56 11.74
CA SER D 27 19.29 -15.37 10.33
C SER D 27 18.34 -16.12 9.39
N GLN D 28 17.60 -17.09 9.92
CA GLN D 28 16.60 -17.82 9.12
C GLN D 28 15.16 -17.24 9.18
N ILE D 29 14.94 -16.27 10.06
CA ILE D 29 13.63 -15.63 10.20
C ILE D 29 13.61 -14.27 9.50
N ILE D 30 12.53 -14.01 8.77
CA ILE D 30 12.34 -12.73 8.09
C ILE D 30 11.07 -12.09 8.64
N ALA D 31 11.17 -10.84 9.07
CA ALA D 31 10.01 -10.13 9.62
C ALA D 31 9.49 -9.16 8.58
N ILE D 32 8.23 -9.33 8.21
CA ILE D 32 7.59 -8.52 7.20
C ILE D 32 6.61 -7.52 7.84
N VAL D 33 6.88 -6.25 7.59
CA VAL D 33 6.31 -5.20 8.37
C VAL D 33 6.01 -4.02 7.44
N ARG D 34 5.04 -3.16 7.76
CA ARG D 34 4.81 -1.98 6.87
C ARG D 34 5.58 -0.70 7.23
N ASN D 35 6.17 -0.66 8.41
CA ASN D 35 7.01 0.44 8.84
C ASN D 35 8.23 -0.20 9.49
N VAL D 36 9.31 -0.35 8.73
CA VAL D 36 10.44 -1.17 9.20
C VAL D 36 11.08 -0.68 10.53
N GLU D 37 11.25 0.63 10.67
CA GLU D 37 11.89 1.14 11.87
C GLU D 37 11.20 0.67 13.19
N LYS D 38 9.92 0.34 13.14
CA LYS D 38 9.27 -0.09 14.37
C LYS D 38 9.50 -1.56 14.70
N ALA D 39 10.32 -2.19 13.87
CA ALA D 39 10.78 -3.53 14.10
C ALA D 39 12.29 -3.52 14.38
N SER D 40 12.83 -2.35 14.75
CA SER D 40 14.28 -2.26 14.99
C SER D 40 14.79 -3.24 16.05
N THR D 41 14.04 -3.44 17.13
CA THR D 41 14.46 -4.39 18.16
C THR D 41 14.63 -5.83 17.62
N LEU D 42 13.84 -6.23 16.63
CA LEU D 42 14.00 -7.56 16.01
C LEU D 42 15.20 -7.59 15.05
N ALA D 43 15.49 -6.45 14.44
CA ALA D 43 16.62 -6.33 13.55
C ALA D 43 17.88 -6.48 14.40
N ASP D 44 17.83 -5.91 15.62
CA ASP D 44 18.92 -6.01 16.60
C ASP D 44 19.27 -7.47 16.93
N GLN D 45 18.26 -8.33 16.95
CA GLN D 45 18.46 -9.74 17.30
C GLN D 45 18.96 -10.57 16.12
N GLY D 46 19.09 -9.92 14.96
CA GLY D 46 19.58 -10.58 13.75
C GLY D 46 18.50 -11.04 12.79
N VAL D 47 17.24 -10.80 13.16
CA VAL D 47 16.12 -11.13 12.28
C VAL D 47 16.10 -10.11 11.16
N GLU D 48 16.11 -10.57 9.91
CA GLU D 48 16.00 -9.68 8.76
C GLU D 48 14.62 -9.02 8.73
N VAL D 49 14.57 -7.72 8.50
CA VAL D 49 13.30 -6.98 8.46
C VAL D 49 13.05 -6.46 7.06
N ARG D 50 11.86 -6.75 6.53
CA ARG D 50 11.44 -6.33 5.21
C ARG D 50 10.13 -5.55 5.25
N HIS D 51 10.05 -4.56 4.36
CA HIS D 51 8.84 -3.78 4.15
C HIS D 51 7.84 -4.57 3.32
N GLY D 52 6.63 -4.69 3.84
CA GLY D 52 5.55 -5.39 3.16
C GLY D 52 4.27 -4.70 3.60
N ASP D 53 3.32 -4.56 2.69
CA ASP D 53 2.12 -3.78 2.92
C ASP D 53 0.97 -4.38 2.13
N TYR D 54 0.07 -5.07 2.84
CA TYR D 54 -1.09 -5.75 2.22
C TYR D 54 -1.86 -4.84 1.28
N ASN D 55 -1.76 -3.55 1.53
CA ASN D 55 -2.52 -2.56 0.80
C ASN D 55 -1.85 -2.09 -0.49
N GLN D 56 -0.57 -2.47 -0.64
CA GLN D 56 0.23 -2.09 -1.81
C GLN D 56 0.93 -3.31 -2.40
N PRO D 57 0.23 -4.03 -3.32
CA PRO D 57 0.73 -5.19 -4.08
C PRO D 57 2.15 -5.00 -4.61
N GLU D 58 2.42 -3.82 -5.17
CA GLU D 58 3.77 -3.47 -5.56
C GLU D 58 4.86 -3.67 -4.48
N SER D 59 4.47 -3.88 -3.23
CA SER D 59 5.44 -4.01 -2.15
C SER D 59 5.73 -5.45 -1.84
N LEU D 60 4.84 -6.34 -2.23
CA LEU D 60 4.88 -7.71 -1.73
C LEU D 60 5.93 -8.63 -2.37
N GLN D 61 6.14 -8.50 -3.67
N GLN D 61 6.13 -8.49 -3.68
CA GLN D 61 7.13 -9.31 -4.38
CA GLN D 61 7.12 -9.29 -4.39
C GLN D 61 8.47 -9.36 -3.64
C GLN D 61 8.44 -9.36 -3.59
N LYS D 62 9.01 -8.19 -3.29
CA LYS D 62 10.28 -8.14 -2.60
C LYS D 62 10.17 -8.62 -1.16
N ALA D 63 8.98 -8.50 -0.56
CA ALA D 63 8.79 -9.00 0.79
C ALA D 63 8.84 -10.53 0.86
N PHE D 64 8.30 -11.20 -0.14
CA PHE D 64 8.21 -12.66 -0.12
C PHE D 64 9.34 -13.39 -0.85
N ALA D 65 10.22 -12.64 -1.51
CA ALA D 65 11.24 -13.20 -2.41
C ALA D 65 12.23 -14.12 -1.69
N GLY D 66 12.32 -15.35 -2.19
CA GLY D 66 13.30 -16.30 -1.67
C GLY D 66 12.85 -17.03 -0.42
N VAL D 67 11.66 -16.72 0.09
CA VAL D 67 11.22 -17.36 1.34
C VAL D 67 10.70 -18.75 1.07
N SER D 68 11.03 -19.67 2.00
CA SER D 68 10.57 -21.04 1.93
C SER D 68 9.21 -21.11 2.56
N LYS D 69 9.09 -20.62 3.79
CA LYS D 69 7.83 -20.77 4.54
C LYS D 69 7.28 -19.44 5.00
N LEU D 70 6.01 -19.21 4.66
CA LEU D 70 5.36 -17.98 4.98
C LEU D 70 4.29 -18.16 6.04
N LEU D 71 4.40 -17.43 7.14
CA LEU D 71 3.27 -17.29 8.03
C LEU D 71 2.50 -16.04 7.65
N PHE D 72 1.32 -16.26 7.10
CA PHE D 72 0.43 -15.22 6.58
C PHE D 72 -0.64 -14.97 7.65
N ILE D 73 -0.51 -13.85 8.36
CA ILE D 73 -1.44 -13.48 9.44
C ILE D 73 -2.49 -12.52 8.89
N SER D 74 -3.76 -12.79 9.19
CA SER D 74 -4.83 -11.97 8.59
C SER D 74 -4.75 -10.52 9.07
N GLY D 75 -5.13 -9.61 8.17
CA GLY D 75 -5.08 -8.18 8.41
C GLY D 75 -6.02 -7.71 9.51
N PRO D 76 -5.58 -6.70 10.29
CA PRO D 76 -6.43 -6.25 11.41
C PRO D 76 -7.70 -5.48 10.97
N HIS D 77 -7.70 -4.88 9.77
CA HIS D 77 -8.87 -4.12 9.24
C HIS D 77 -10.22 -4.82 9.48
N TYR D 78 -11.28 -4.03 9.60
CA TYR D 78 -12.65 -4.53 9.85
C TYR D 78 -13.64 -4.26 8.70
N ASP D 79 -13.17 -3.63 7.62
CA ASP D 79 -13.85 -3.74 6.32
C ASP D 79 -13.54 -5.12 5.69
N ASN D 80 -14.49 -6.03 5.86
CA ASN D 80 -14.41 -7.41 5.33
C ASN D 80 -14.13 -7.51 3.82
N THR D 81 -14.85 -6.76 3.00
CA THR D 81 -14.63 -6.84 1.57
C THR D 81 -13.22 -6.36 1.20
N LEU D 82 -12.77 -5.32 1.90
CA LEU D 82 -11.42 -4.83 1.71
C LEU D 82 -10.42 -5.92 2.07
N LEU D 83 -10.66 -6.58 3.20
CA LEU D 83 -9.79 -7.64 3.64
C LEU D 83 -9.60 -8.67 2.50
N ILE D 84 -10.69 -9.03 1.83
CA ILE D 84 -10.62 -9.97 0.71
C ILE D 84 -9.59 -9.54 -0.31
N VAL D 85 -9.69 -8.31 -0.78
CA VAL D 85 -8.77 -7.81 -1.79
C VAL D 85 -7.32 -7.85 -1.28
N GLN D 86 -7.10 -7.39 -0.06
CA GLN D 86 -5.76 -7.46 0.52
C GLN D 86 -5.22 -8.87 0.51
N HIS D 87 -5.99 -9.82 1.07
CA HIS D 87 -5.52 -11.20 1.22
C HIS D 87 -5.27 -11.84 -0.12
N ALA D 88 -6.15 -11.55 -1.07
CA ALA D 88 -6.01 -12.06 -2.42
C ALA D 88 -4.70 -11.60 -3.05
N ASN D 89 -4.35 -10.34 -2.82
CA ASN D 89 -3.08 -9.85 -3.28
C ASN D 89 -1.87 -10.46 -2.54
N VAL D 90 -2.01 -10.69 -1.25
CA VAL D 90 -0.97 -11.39 -0.52
C VAL D 90 -0.71 -12.79 -1.13
N VAL D 91 -1.81 -13.49 -1.40
CA VAL D 91 -1.75 -14.85 -1.91
C VAL D 91 -1.11 -14.88 -3.29
N LYS D 92 -1.53 -13.95 -4.17
CA LYS D 92 -0.93 -13.88 -5.49
C LYS D 92 0.58 -13.60 -5.44
N ALA D 93 0.99 -12.71 -4.55
CA ALA D 93 2.40 -12.36 -4.40
C ALA D 93 3.20 -13.53 -3.83
N ALA D 94 2.57 -14.31 -2.97
CA ALA D 94 3.23 -15.48 -2.39
C ALA D 94 3.42 -16.49 -3.51
N ARG D 95 2.44 -16.60 -4.40
CA ARG D 95 2.51 -17.53 -5.52
C ARG D 95 3.65 -17.16 -6.47
N ASP D 96 3.67 -15.89 -6.88
CA ASP D 96 4.66 -15.34 -7.81
C ASP D 96 6.11 -15.39 -7.27
N ALA D 97 6.30 -15.17 -5.97
CA ALA D 97 7.61 -15.30 -5.37
C ALA D 97 8.06 -16.76 -5.28
N GLY D 98 7.15 -17.71 -5.54
CA GLY D 98 7.49 -19.14 -5.48
C GLY D 98 7.72 -19.67 -4.07
N VAL D 99 6.93 -19.16 -3.11
CA VAL D 99 6.88 -19.66 -1.75
C VAL D 99 6.49 -21.15 -1.73
N LYS D 100 7.08 -21.90 -0.81
CA LYS D 100 6.94 -23.39 -0.81
C LYS D 100 5.94 -23.89 0.24
N HIS D 101 5.63 -23.07 1.23
CA HIS D 101 4.62 -23.43 2.21
C HIS D 101 3.92 -22.18 2.72
N ILE D 102 2.60 -22.17 2.70
CA ILE D 102 1.85 -21.04 3.26
C ILE D 102 1.08 -21.51 4.46
N ALA D 103 1.38 -20.90 5.61
CA ALA D 103 0.54 -21.08 6.78
C ALA D 103 -0.34 -19.83 6.95
N TYR D 104 -1.63 -20.03 7.15
CA TYR D 104 -2.56 -18.91 7.21
C TYR D 104 -3.34 -18.93 8.51
N THR D 105 -3.53 -17.80 9.15
CA THR D 105 -4.30 -17.73 10.38
C THR D 105 -5.75 -17.42 10.08
N GLY D 106 -6.58 -18.45 10.10
CA GLY D 106 -8.00 -18.30 9.77
C GLY D 106 -8.91 -18.37 10.99
N TYR D 107 -10.12 -18.92 10.79
CA TYR D 107 -11.19 -18.94 11.83
C TYR D 107 -11.74 -20.34 12.08
N ALA D 108 -11.76 -20.73 13.36
CA ALA D 108 -12.19 -22.06 13.77
C ALA D 108 -13.64 -22.33 13.41
N PHE D 109 -13.87 -23.50 12.81
CA PHE D 109 -15.21 -23.98 12.51
C PHE D 109 -15.94 -22.95 11.65
N ALA D 110 -15.18 -22.32 10.78
CA ALA D 110 -15.67 -21.27 9.91
C ALA D 110 -16.84 -21.69 9.04
N GLU D 111 -16.86 -22.94 8.57
CA GLU D 111 -17.99 -23.40 7.76
C GLU D 111 -19.31 -23.35 8.55
N GLU D 112 -19.27 -23.31 9.88
CA GLU D 112 -20.52 -23.29 10.65
C GLU D 112 -20.87 -21.93 11.21
N SER D 113 -20.11 -20.92 10.83
CA SER D 113 -20.15 -19.67 11.57
C SER D 113 -21.29 -18.73 11.22
N ILE D 114 -21.67 -17.96 12.24
CA ILE D 114 -22.75 -16.97 12.12
C ILE D 114 -22.26 -15.52 11.93
N ILE D 115 -21.05 -15.36 11.39
CA ILE D 115 -20.35 -14.07 11.35
C ILE D 115 -19.71 -13.85 9.99
N PRO D 116 -19.90 -12.66 9.37
CA PRO D 116 -19.30 -12.39 8.06
C PRO D 116 -17.77 -12.53 7.98
N LEU D 117 -17.08 -12.33 9.12
CA LEU D 117 -15.63 -12.49 9.13
C LEU D 117 -15.17 -13.92 8.77
N ALA D 118 -16.02 -14.90 9.02
CA ALA D 118 -15.72 -16.28 8.66
C ALA D 118 -15.62 -16.47 7.15
N HIS D 119 -16.47 -15.75 6.42
CA HIS D 119 -16.49 -15.78 4.96
C HIS D 119 -15.22 -15.18 4.38
N VAL D 120 -14.64 -14.20 5.06
CA VAL D 120 -13.36 -13.63 4.65
C VAL D 120 -12.27 -14.70 4.64
N HIS D 121 -12.23 -15.47 5.72
CA HIS D 121 -11.20 -16.48 5.92
C HIS D 121 -11.43 -17.68 5.03
N LEU D 122 -12.70 -18.05 4.88
CA LEU D 122 -13.03 -19.08 3.92
C LEU D 122 -12.59 -18.68 2.52
N ALA D 123 -12.88 -17.44 2.13
CA ALA D 123 -12.49 -16.98 0.81
C ALA D 123 -10.97 -17.07 0.65
N THR D 124 -10.25 -16.72 1.72
CA THR D 124 -8.81 -16.72 1.70
C THR D 124 -8.24 -18.11 1.61
N GLU D 125 -8.77 -19.03 2.39
CA GLU D 125 -8.36 -20.43 2.26
C GLU D 125 -8.54 -20.94 0.83
N TYR D 126 -9.70 -20.65 0.21
CA TYR D 126 -9.85 -21.01 -1.19
C TYR D 126 -8.82 -20.31 -2.08
N ALA D 127 -8.56 -19.03 -1.82
CA ALA D 127 -7.52 -18.32 -2.56
C ALA D 127 -6.18 -19.06 -2.46
N THR D 128 -5.80 -19.47 -1.23
CA THR D 128 -4.55 -20.18 -1.03
C THR D 128 -4.51 -21.49 -1.85
N ARG D 129 -5.61 -22.25 -1.87
CA ARG D 129 -5.68 -23.49 -2.67
C ARG D 129 -5.40 -23.36 -4.18
N THR D 130 -5.83 -22.25 -4.81
CA THR D 130 -5.67 -22.05 -6.28
C THR D 130 -4.21 -21.98 -6.65
N THR D 131 -3.42 -21.81 -5.61
CA THR D 131 -2.04 -21.49 -5.68
C THR D 131 -1.26 -22.79 -5.83
N ASN D 132 -1.84 -23.89 -5.34
CA ASN D 132 -1.17 -25.20 -5.33
C ASN D 132 0.01 -25.39 -4.34
N ILE D 133 0.31 -24.34 -3.58
CA ILE D 133 1.36 -24.38 -2.59
C ILE D 133 0.86 -25.19 -1.38
N PRO D 134 1.67 -26.15 -0.90
CA PRO D 134 1.32 -26.84 0.34
C PRO D 134 0.96 -25.81 1.45
N TYR D 135 -0.08 -26.11 2.23
CA TYR D 135 -0.64 -25.10 3.12
C TYR D 135 -0.86 -25.63 4.52
N THR D 136 -0.99 -24.74 5.48
CA THR D 136 -1.52 -25.14 6.77
C THR D 136 -2.50 -24.07 7.15
N PHE D 137 -3.74 -24.49 7.44
CA PHE D 137 -4.74 -23.56 7.88
C PHE D 137 -4.83 -23.59 9.39
N LEU D 138 -4.36 -22.52 10.02
CA LEU D 138 -4.29 -22.40 11.44
C LEU D 138 -5.48 -21.58 11.85
N ARG D 139 -6.56 -22.25 12.21
CA ARG D 139 -7.77 -21.52 12.51
C ARG D 139 -7.85 -21.25 14.00
N ASN D 140 -7.39 -20.06 14.37
CA ASN D 140 -7.22 -19.69 15.76
C ASN D 140 -8.52 -19.35 16.42
N ALA D 141 -8.66 -19.77 17.68
CA ALA D 141 -9.78 -19.34 18.53
C ALA D 141 -9.57 -17.90 18.86
N LEU D 142 -10.60 -17.23 19.39
CA LEU D 142 -10.40 -15.98 20.12
C LEU D 142 -9.32 -16.09 21.19
N TYR D 143 -8.62 -14.99 21.44
CA TYR D 143 -7.59 -14.93 22.44
C TYR D 143 -8.21 -14.81 23.80
N THR D 144 -7.62 -15.54 24.74
CA THR D 144 -8.01 -15.39 26.13
C THR D 144 -7.44 -14.11 26.74
N ASP D 145 -6.29 -13.71 26.21
CA ASP D 145 -5.63 -12.49 26.62
C ASP D 145 -6.64 -11.34 26.58
N PHE D 146 -7.61 -11.46 25.68
CA PHE D 146 -8.63 -10.42 25.50
C PHE D 146 -9.58 -10.22 26.67
N PHE D 147 -9.95 -11.32 27.34
CA PHE D 147 -10.85 -11.26 28.47
C PHE D 147 -10.09 -11.43 29.79
N VAL D 148 -8.89 -11.99 29.73
CA VAL D 148 -8.13 -12.25 30.95
C VAL D 148 -6.83 -11.44 31.02
N ASN D 149 -6.88 -10.31 31.71
CA ASN D 149 -5.85 -9.29 31.62
C ASN D 149 -5.89 -8.32 32.80
N GLU D 150 -5.39 -7.10 32.57
CA GLU D 150 -5.41 -6.03 33.55
C GLU D 150 -6.84 -5.66 33.97
N GLY D 151 -7.71 -5.41 32.98
CA GLY D 151 -9.07 -4.89 33.19
C GLY D 151 -9.95 -5.56 34.22
N LEU D 152 -9.61 -6.80 34.61
CA LEU D 152 -10.38 -7.52 35.61
C LEU D 152 -10.22 -6.96 37.03
N ARG D 153 -9.28 -6.04 37.20
CA ARG D 153 -9.16 -5.32 38.46
C ARG D 153 -10.42 -4.51 38.74
N ALA D 154 -10.93 -3.84 37.69
CA ALA D 154 -12.20 -3.11 37.79
C ALA D 154 -13.28 -4.01 38.41
N SER D 155 -13.37 -5.24 37.90
CA SER D 155 -14.37 -6.22 38.33
C SER D 155 -14.20 -6.66 39.78
N THR D 156 -12.94 -6.82 40.19
CA THR D 156 -12.60 -7.03 41.60
C THR D 156 -13.21 -5.95 42.52
N GLU D 157 -12.96 -4.67 42.25
CA GLU D 157 -13.51 -3.62 43.14
C GLU D 157 -15.01 -3.33 42.89
N SER D 158 -15.41 -3.42 41.63
CA SER D 158 -16.82 -3.26 41.24
C SER D 158 -17.69 -4.35 41.84
N GLY D 159 -17.11 -5.54 41.98
CA GLY D 159 -17.86 -6.73 42.40
C GLY D 159 -18.49 -7.50 41.25
N ALA D 160 -18.36 -7.00 40.02
CA ALA D 160 -19.03 -7.62 38.87
C ALA D 160 -18.15 -7.70 37.63
N ILE D 161 -18.28 -8.78 36.88
CA ILE D 161 -17.80 -8.78 35.52
C ILE D 161 -19.02 -8.60 34.63
N VAL D 162 -19.07 -7.45 33.97
CA VAL D 162 -20.19 -7.11 33.08
C VAL D 162 -19.88 -7.51 31.64
N THR D 163 -20.76 -8.32 31.04
CA THR D 163 -20.66 -8.64 29.62
C THR D 163 -22.07 -8.77 29.03
N ASN D 164 -22.14 -8.85 27.69
CA ASN D 164 -23.37 -9.24 27.02
C ASN D 164 -23.16 -10.61 26.33
N ALA D 165 -22.65 -11.57 27.10
CA ALA D 165 -22.31 -12.88 26.55
C ALA D 165 -23.23 -13.98 27.05
N GLY D 166 -24.19 -13.61 27.90
CA GLY D 166 -25.17 -14.54 28.47
C GLY D 166 -24.48 -15.75 29.06
N SER D 167 -25.01 -16.93 28.74
CA SER D 167 -24.45 -18.20 29.22
C SER D 167 -23.53 -18.87 28.18
N GLY D 168 -23.05 -18.09 27.22
CA GLY D 168 -22.13 -18.57 26.19
C GLY D 168 -20.86 -19.22 26.69
N ILE D 169 -20.56 -20.37 26.09
CA ILE D 169 -19.33 -21.11 26.34
C ILE D 169 -18.19 -20.53 25.50
N VAL D 170 -16.98 -20.44 26.08
CA VAL D 170 -15.84 -19.87 25.38
C VAL D 170 -14.70 -20.88 25.26
N ASN D 171 -14.27 -21.10 24.01
CA ASN D 171 -13.21 -22.05 23.69
C ASN D 171 -11.87 -21.38 23.42
N SER D 172 -11.72 -20.16 23.95
CA SER D 172 -10.57 -19.31 23.70
C SER D 172 -9.27 -19.96 24.14
N VAL D 173 -8.15 -19.53 23.55
CA VAL D 173 -6.84 -19.93 24.05
C VAL D 173 -5.93 -18.71 24.10
N THR D 174 -4.84 -18.79 24.86
CA THR D 174 -3.92 -17.64 24.93
C THR D 174 -3.24 -17.39 23.59
N ARG D 175 -2.97 -16.12 23.33
CA ARG D 175 -2.23 -15.70 22.14
C ARG D 175 -0.90 -16.43 22.07
N ASN D 176 -0.27 -16.57 23.22
CA ASN D 176 0.98 -17.29 23.31
C ASN D 176 0.90 -18.78 22.91
N GLU D 177 -0.19 -19.45 23.26
CA GLU D 177 -0.35 -20.85 22.87
C GLU D 177 -0.57 -20.98 21.38
N LEU D 178 -1.33 -20.05 20.83
CA LEU D 178 -1.56 -19.99 19.39
C LEU D 178 -0.27 -19.71 18.61
N ALA D 179 0.56 -18.79 19.12
CA ALA D 179 1.84 -18.45 18.50
C ALA D 179 2.77 -19.66 18.46
N LEU D 180 2.88 -20.36 19.60
CA LEU D 180 3.66 -21.59 19.67
C LEU D 180 3.16 -22.63 18.65
N ALA D 181 1.83 -22.76 18.53
CA ALA D 181 1.24 -23.61 17.49
C ALA D 181 1.79 -23.25 16.11
N ALA D 182 1.71 -21.97 15.75
CA ALA D 182 2.21 -21.52 14.47
C ALA D 182 3.69 -21.89 14.30
N ALA D 183 4.48 -21.64 15.33
CA ALA D 183 5.91 -21.80 15.26
C ALA D 183 6.28 -23.28 15.08
N THR D 184 5.51 -24.15 15.74
CA THR D 184 5.70 -25.59 15.71
C THR D 184 5.48 -26.09 14.29
N VAL D 185 4.37 -25.65 13.72
CA VAL D 185 4.00 -26.04 12.36
C VAL D 185 5.08 -25.63 11.35
N LEU D 186 5.67 -24.46 11.56
CA LEU D 186 6.66 -23.95 10.64
C LEU D 186 8.01 -24.67 10.78
N THR D 187 8.21 -25.37 11.90
CA THR D 187 9.52 -25.98 12.20
C THR D 187 9.56 -27.50 12.34
N GLU D 188 8.50 -28.18 11.92
CA GLU D 188 8.51 -29.64 11.90
C GLU D 188 7.61 -30.15 10.78
N GLU D 189 7.85 -31.40 10.38
CA GLU D 189 7.22 -31.96 9.20
C GLU D 189 5.85 -32.58 9.49
N GLY D 190 5.10 -32.88 8.43
CA GLY D 190 3.80 -33.52 8.56
C GLY D 190 2.57 -32.61 8.70
N HIS D 191 2.71 -31.31 8.38
CA HIS D 191 1.58 -30.37 8.50
C HIS D 191 1.17 -29.79 7.16
N GLU D 192 1.65 -30.43 6.09
CA GLU D 192 1.35 -30.02 4.72
C GLU D 192 -0.08 -30.40 4.31
N ASN D 193 -0.82 -29.39 3.86
CA ASN D 193 -2.24 -29.53 3.50
C ASN D 193 -3.11 -29.95 4.68
N LYS D 194 -2.93 -29.28 5.81
CA LYS D 194 -3.69 -29.60 7.00
C LYS D 194 -4.49 -28.42 7.46
N THR D 195 -5.70 -28.69 7.93
CA THR D 195 -6.55 -27.67 8.50
C THR D 195 -6.67 -28.02 9.96
N TYR D 196 -6.22 -27.12 10.82
CA TYR D 196 -6.35 -27.29 12.27
C TYR D 196 -7.36 -26.27 12.82
N ASN D 197 -8.33 -26.76 13.62
CA ASN D 197 -9.15 -25.84 14.39
C ASN D 197 -8.55 -25.74 15.76
N LEU D 198 -7.86 -24.64 16.04
CA LEU D 198 -7.05 -24.51 17.25
C LEU D 198 -7.79 -23.78 18.36
N VAL D 199 -8.51 -24.55 19.17
CA VAL D 199 -9.34 -24.02 20.24
C VAL D 199 -9.11 -24.86 21.47
N SER D 200 -9.72 -24.46 22.57
CA SER D 200 -9.63 -25.19 23.83
C SER D 200 -10.49 -26.44 23.78
N ASN D 201 -10.05 -27.52 24.43
CA ASN D 201 -10.97 -28.61 24.75
C ASN D 201 -11.34 -28.56 26.21
N GLN D 202 -11.08 -27.44 26.86
CA GLN D 202 -11.58 -27.25 28.21
C GLN D 202 -12.17 -25.85 28.33
N PRO D 203 -13.35 -25.67 27.77
CA PRO D 203 -14.00 -24.39 27.65
C PRO D 203 -14.50 -23.84 28.98
N TRP D 204 -14.87 -22.57 28.98
CA TRP D 204 -15.37 -21.92 30.18
C TRP D 204 -16.57 -20.97 29.91
N THR D 205 -17.18 -20.47 30.98
CA THR D 205 -18.21 -19.46 30.88
C THR D 205 -17.78 -18.27 31.71
N PHE D 206 -18.51 -17.17 31.57
CA PHE D 206 -18.22 -15.98 32.36
C PHE D 206 -18.64 -16.07 33.81
N ASP D 207 -19.58 -16.96 34.13
CA ASP D 207 -19.89 -17.26 35.54
C ASP D 207 -18.68 -17.96 36.14
N GLU D 208 -18.05 -18.81 35.35
CA GLU D 208 -16.83 -19.49 35.76
C GLU D 208 -15.75 -18.45 36.03
N LEU D 209 -15.50 -17.59 35.04
CA LEU D 209 -14.53 -16.53 35.24
C LEU D 209 -14.78 -15.73 36.53
N ALA D 210 -15.99 -15.21 36.69
CA ALA D 210 -16.38 -14.52 37.93
C ALA D 210 -15.98 -15.33 39.15
N GLN D 211 -16.25 -16.62 39.10
CA GLN D 211 -16.00 -17.54 40.21
C GLN D 211 -14.49 -17.73 40.48
N ILE D 212 -13.71 -17.99 39.44
CA ILE D 212 -12.25 -18.11 39.56
C ILE D 212 -11.63 -16.79 40.01
N LEU D 213 -12.19 -15.69 39.52
CA LEU D 213 -11.79 -14.37 39.95
C LEU D 213 -11.99 -14.20 41.47
N SER D 214 -13.13 -14.65 41.97
CA SER D 214 -13.44 -14.57 43.40
C SER D 214 -12.41 -15.34 44.23
N GLU D 215 -12.12 -16.58 43.82
CA GLU D 215 -11.18 -17.44 44.53
C GLU D 215 -9.75 -16.87 44.58
N VAL D 216 -9.20 -16.53 43.42
CA VAL D 216 -7.81 -16.04 43.33
C VAL D 216 -7.63 -14.61 43.85
N SER D 217 -8.71 -13.83 43.95
CA SER D 217 -8.60 -12.52 44.57
C SER D 217 -8.91 -12.62 46.07
N GLY D 218 -10.19 -12.78 46.41
CA GLY D 218 -10.61 -12.77 47.80
C GLY D 218 -11.94 -12.06 47.98
N LYS D 219 -12.22 -11.08 47.11
CA LYS D 219 -13.52 -10.41 47.08
C LYS D 219 -14.45 -11.21 46.16
N LYS D 220 -15.75 -11.17 46.44
CA LYS D 220 -16.72 -11.86 45.58
C LYS D 220 -16.96 -11.08 44.31
N VAL D 221 -17.01 -11.79 43.20
CA VAL D 221 -17.32 -11.19 41.91
C VAL D 221 -18.41 -12.05 41.33
N VAL D 222 -19.48 -11.44 40.83
CA VAL D 222 -20.49 -12.18 40.08
C VAL D 222 -20.41 -11.79 38.62
N HIS D 223 -21.01 -12.59 37.75
CA HIS D 223 -21.10 -12.24 36.34
C HIS D 223 -22.48 -11.65 36.13
N GLN D 224 -22.52 -10.36 35.82
CA GLN D 224 -23.80 -9.73 35.50
C GLN D 224 -23.91 -9.53 33.99
N PRO D 225 -24.60 -10.45 33.31
CA PRO D 225 -24.81 -10.29 31.89
C PRO D 225 -25.92 -9.28 31.63
N VAL D 226 -25.83 -8.61 30.49
CA VAL D 226 -26.78 -7.55 30.11
C VAL D 226 -26.99 -7.54 28.59
N SER D 227 -27.69 -6.53 28.10
CA SER D 227 -28.01 -6.40 26.68
C SER D 227 -26.85 -5.83 25.89
N PHE D 228 -26.96 -5.89 24.57
CA PHE D 228 -25.93 -5.34 23.70
C PHE D 228 -25.76 -3.83 23.94
N GLU D 229 -26.87 -3.11 24.07
CA GLU D 229 -26.83 -1.66 24.27
C GLU D 229 -26.22 -1.28 25.63
N GLU D 230 -26.70 -1.92 26.69
CA GLU D 230 -26.25 -1.67 28.07
C GLU D 230 -24.74 -1.83 28.25
N GLU D 231 -24.15 -2.82 27.57
CA GLU D 231 -22.71 -3.13 27.65
C GLU D 231 -21.84 -2.16 26.83
N LYS D 232 -22.35 -1.79 25.66
CA LYS D 232 -21.74 -0.73 24.85
C LYS D 232 -21.74 0.56 25.67
N ASN D 233 -22.83 0.79 26.40
CA ASN D 233 -22.94 1.93 27.30
C ASN D 233 -21.97 1.87 28.48
N PHE D 234 -21.82 0.67 29.06
CA PHE D 234 -20.94 0.49 30.22
C PHE D 234 -19.53 0.98 29.93
N VAL D 236 -18.44 2.81 27.31
CA VAL D 236 -18.44 4.22 26.93
C VAL D 236 -18.36 5.08 28.18
N ASN D 237 -19.24 4.84 29.14
CA ASN D 237 -19.26 5.56 30.42
C ASN D 237 -17.90 5.62 31.10
N ALA D 238 -17.10 4.59 30.86
CA ALA D 238 -15.76 4.49 31.42
C ALA D 238 -14.63 4.70 30.39
N GLY D 239 -14.85 5.57 29.41
CA GLY D 239 -13.77 6.12 28.57
C GLY D 239 -13.33 5.37 27.31
N VAL D 240 -13.87 4.18 27.08
CA VAL D 240 -13.60 3.45 25.85
C VAL D 240 -14.42 4.03 24.68
N PRO D 241 -13.73 4.36 23.57
CA PRO D 241 -14.33 4.83 22.31
C PRO D 241 -15.47 3.94 21.79
N GLU D 242 -16.40 4.53 21.03
CA GLU D 242 -17.55 3.77 20.48
C GLU D 242 -17.19 2.67 19.46
N PRO D 243 -16.26 2.93 18.49
CA PRO D 243 -15.94 1.83 17.57
C PRO D 243 -15.35 0.63 18.30
N PHE D 244 -14.38 0.88 19.18
CA PHE D 244 -13.75 -0.14 20.03
C PHE D 244 -14.79 -0.94 20.85
N ALA D 245 -15.77 -0.22 21.38
CA ALA D 245 -16.87 -0.82 22.15
C ALA D 245 -17.88 -1.57 21.30
N GLU D 246 -18.03 -1.21 20.02
CA GLU D 246 -18.87 -2.00 19.12
C GLU D 246 -18.21 -3.36 18.97
N ILE D 247 -16.89 -3.35 18.78
CA ILE D 247 -16.10 -4.58 18.60
C ILE D 247 -16.24 -5.52 19.78
N THR D 248 -16.04 -4.99 20.98
CA THR D 248 -16.09 -5.78 22.20
C THR D 248 -17.51 -6.27 22.45
N ALA D 249 -18.50 -5.42 22.21
CA ALA D 249 -19.89 -5.86 22.27
C ALA D 249 -20.19 -6.90 21.18
N ALA D 250 -19.49 -6.80 20.04
CA ALA D 250 -19.66 -7.74 18.94
C ALA D 250 -19.22 -9.16 19.35
N ILE D 251 -17.98 -9.24 19.83
CA ILE D 251 -17.38 -10.46 20.36
C ILE D 251 -18.27 -11.15 21.40
N TYR D 252 -18.74 -10.41 22.41
CA TYR D 252 -19.61 -10.98 23.46
C TYR D 252 -20.93 -11.53 22.90
N ASP D 253 -21.61 -10.70 22.11
CA ASP D 253 -22.88 -11.09 21.47
C ASP D 253 -22.72 -12.42 20.72
N ALA D 254 -21.62 -12.55 19.99
CA ALA D 254 -21.26 -13.78 19.27
C ALA D 254 -21.09 -14.96 20.24
N ILE D 255 -20.29 -14.73 21.28
CA ILE D 255 -20.11 -15.71 22.33
C ILE D 255 -21.45 -16.24 22.81
N SER D 256 -22.42 -15.35 23.02
CA SER D 256 -23.72 -15.76 23.58
C SER D 256 -24.53 -16.67 22.65
N LYS D 257 -24.11 -16.76 21.40
CA LYS D 257 -24.86 -17.53 20.41
C LYS D 257 -24.36 -18.96 20.18
N GLY D 258 -23.14 -19.23 20.62
CA GLY D 258 -22.52 -20.54 20.44
C GLY D 258 -21.28 -20.43 19.59
N GLU D 259 -20.89 -19.20 19.26
CA GLU D 259 -19.83 -18.98 18.31
C GLU D 259 -18.48 -19.48 18.81
N ALA D 260 -18.30 -19.52 20.12
CA ALA D 260 -17.04 -20.03 20.69
C ALA D 260 -17.27 -21.31 21.51
N SER D 261 -18.25 -22.10 21.10
CA SER D 261 -18.74 -23.19 21.94
C SER D 261 -18.40 -24.59 21.44
N LYS D 262 -17.73 -24.68 20.29
CA LYS D 262 -17.33 -25.97 19.73
C LYS D 262 -15.88 -26.22 20.09
N THR D 263 -15.54 -27.46 20.39
CA THR D 263 -14.18 -27.78 20.79
C THR D 263 -13.46 -28.75 19.86
N SER D 264 -12.16 -28.91 20.09
CA SER D 264 -11.30 -29.76 19.27
C SER D 264 -10.04 -30.11 20.06
N ASP D 265 -9.42 -31.23 19.69
CA ASP D 265 -8.17 -31.64 20.29
C ASP D 265 -6.95 -31.17 19.50
N ASP D 266 -7.23 -30.62 18.31
CA ASP D 266 -6.21 -30.13 17.39
C ASP D 266 -5.01 -29.39 18.02
N LEU D 267 -5.29 -28.42 18.90
CA LEU D 267 -4.23 -27.62 19.53
C LEU D 267 -3.44 -28.43 20.55
N GLN D 268 -4.17 -29.14 21.42
CA GLN D 268 -3.53 -30.01 22.38
C GLN D 268 -2.65 -31.10 21.70
N LYS D 269 -3.14 -31.72 20.63
CA LYS D 269 -2.33 -32.67 19.85
C LYS D 269 -1.04 -32.04 19.35
N LEU D 270 -1.06 -30.73 19.19
CA LEU D 270 0.03 -29.99 18.58
C LEU D 270 1.08 -29.50 19.59
N ILE D 271 0.61 -28.85 20.66
CA ILE D 271 1.50 -28.17 21.59
C ILE D 271 1.52 -28.80 23.00
N GLY D 272 0.75 -29.88 23.17
CA GLY D 272 0.60 -30.50 24.48
C GLY D 272 -0.50 -29.80 25.28
N SER D 273 -0.45 -29.96 26.60
CA SER D 273 -1.47 -29.45 27.51
C SER D 273 -1.65 -27.93 27.48
N LEU D 274 -2.89 -27.49 27.63
CA LEU D 274 -3.21 -26.10 27.63
C LEU D 274 -3.08 -25.51 29.00
N THR D 275 -2.93 -24.18 29.06
CA THR D 275 -2.81 -23.48 30.31
C THR D 275 -4.23 -23.35 30.87
N PRO D 276 -4.45 -23.80 32.12
CA PRO D 276 -5.77 -23.66 32.75
C PRO D 276 -6.14 -22.19 32.90
N LEU D 277 -7.42 -21.89 32.82
CA LEU D 277 -7.93 -20.53 32.98
C LEU D 277 -7.49 -19.87 34.30
N LYS D 278 -7.43 -20.64 35.38
CA LYS D 278 -7.05 -20.11 36.69
C LYS D 278 -5.62 -19.56 36.68
N GLU D 279 -4.71 -20.35 36.12
CA GLU D 279 -3.29 -19.99 36.02
C GLU D 279 -3.07 -18.74 35.18
N THR D 280 -3.98 -18.54 34.23
CA THR D 280 -3.99 -17.41 33.32
C THR D 280 -4.58 -16.21 34.04
N VAL D 281 -5.44 -16.47 35.02
CA VAL D 281 -5.93 -15.42 35.90
C VAL D 281 -4.78 -14.93 36.77
N LYS D 282 -4.05 -15.86 37.38
CA LYS D 282 -2.86 -15.56 38.20
C LYS D 282 -1.77 -14.79 37.42
N GLN D 283 -1.36 -15.34 36.27
CA GLN D 283 -0.49 -14.65 35.31
C GLN D 283 -1.23 -13.46 34.69
N ALA D 284 -2.01 -12.76 35.51
CA ALA D 284 -2.61 -11.50 35.12
C ALA D 284 -2.69 -10.59 36.34
N LEU D 285 -2.30 -11.12 37.51
CA LEU D 285 -2.31 -10.40 38.80
C LEU D 285 -1.05 -10.66 39.64
#